data_4GVX
#
_entry.id   4GVX
#
_cell.length_a   68.437
_cell.length_b   118.522
_cell.length_c   118.283
_cell.angle_alpha   90.000
_cell.angle_beta   92.920
_cell.angle_gamma   90.000
#
_symmetry.space_group_name_H-M   'C 1 2 1'
#
loop_
_entity.id
_entity.type
_entity.pdbx_description
1 polymer '3-oxoacyl-[acyl-carrier protein] reductase'
2 non-polymer 'NADP NICOTINAMIDE-ADENINE-DINUCLEOTIDE PHOSPHATE'
3 non-polymer 'CHLORIDE ION'
4 non-polymer beta-L-fucopyranose
5 non-polymer 'MAGNESIUM ION'
6 non-polymer 1,2-ETHANEDIOL
7 water water
#
_entity_poly.entity_id   1
_entity_poly.type   'polypeptide(L)'
_entity_poly.pdbx_seq_one_letter_code
;MDLNLQDKVVIVTGGASGIGGAISMRLAEERAIPVVFARHAPDGAFLDALAQRQPRATYLPVELQDDAQCRDAVAQTIAT
FGRLDGLVNNAGVNDGIGLDAGRDAFVASLERNLIHYYAMAHYCVPHLKATRGAIVNISSKTAVTGQGNTSGYCASKGAQ
LALTREWAVALREHGVRVNAVIPAEVMTPLYRNWIATFEDPEAKLAEIAAKVPLGRRFTTPDEIADTAVFLLSPRASHTT
GEWLFVDGGYTHLDRALV
;
_entity_poly.pdbx_strand_id   A,B,C,D
#
# COMPACT_ATOMS: atom_id res chain seq x y z
N MET A 1 12.32 22.11 18.86
CA MET A 1 11.26 22.87 18.19
C MET A 1 10.18 21.93 17.66
N ASP A 2 8.99 22.01 18.23
CA ASP A 2 7.87 21.20 17.76
C ASP A 2 7.46 21.65 16.36
N LEU A 3 7.42 20.73 15.41
CA LEU A 3 7.05 21.07 14.03
C LEU A 3 5.56 20.90 13.77
N ASN A 4 4.85 20.29 14.72
CA ASN A 4 3.41 20.04 14.60
C ASN A 4 3.06 19.29 13.32
N LEU A 5 3.87 18.29 13.00
CA LEU A 5 3.64 17.43 11.85
C LEU A 5 3.16 16.05 12.25
N GLN A 6 2.88 15.85 13.54
CA GLN A 6 2.46 14.54 14.02
C GLN A 6 1.19 14.11 13.29
N ASP A 7 1.23 12.91 12.73
CA ASP A 7 0.09 12.29 12.02
C ASP A 7 -0.30 12.96 10.72
N LYS A 8 0.55 13.88 10.23
CA LYS A 8 0.36 14.47 8.93
C LYS A 8 0.92 13.56 7.85
N VAL A 9 0.13 13.38 6.79
CA VAL A 9 0.41 12.42 5.73
C VAL A 9 1.14 13.12 4.58
N VAL A 10 2.35 12.67 4.29
CA VAL A 10 3.18 13.35 3.29
C VAL A 10 3.72 12.36 2.28
N ILE A 11 3.38 12.56 1.00
CA ILE A 11 3.95 11.75 -0.07
C ILE A 11 5.36 12.25 -0.41
N VAL A 12 6.32 11.34 -0.48
CA VAL A 12 7.69 11.69 -0.86
C VAL A 12 8.09 10.88 -2.09
N THR A 13 8.21 11.54 -3.24
CA THR A 13 8.54 10.79 -4.45
C THR A 13 10.04 10.52 -4.46
N GLY A 14 10.42 9.30 -4.81
CA GLY A 14 11.80 8.87 -4.68
C GLY A 14 12.24 8.87 -3.22
N GLY A 15 11.31 8.54 -2.34
CA GLY A 15 11.46 8.73 -0.90
C GLY A 15 12.22 7.67 -0.13
N ALA A 16 12.94 6.78 -0.81
CA ALA A 16 13.66 5.73 -0.10
C ALA A 16 15.14 5.65 -0.48
N SER A 17 15.64 6.71 -1.08
CA SER A 17 17.05 6.78 -1.47
C SER A 17 17.51 8.22 -1.29
N GLY A 18 18.79 8.40 -0.97
CA GLY A 18 19.41 9.71 -0.99
C GLY A 18 18.65 10.78 -0.22
N ILE A 19 18.46 11.92 -0.88
CA ILE A 19 17.73 13.04 -0.28
C ILE A 19 16.31 12.65 0.15
N GLY A 20 15.55 12.02 -0.75
CA GLY A 20 14.19 11.60 -0.45
C GLY A 20 14.09 10.67 0.75
N GLY A 21 15.03 9.72 0.84
CA GLY A 21 15.08 8.80 1.97
C GLY A 21 15.27 9.57 3.27
N ALA A 22 16.15 10.57 3.25
CA ALA A 22 16.40 11.35 4.45
C ALA A 22 15.18 12.19 4.84
N ILE A 23 14.44 12.66 3.85
CA ILE A 23 13.21 13.40 4.11
C ILE A 23 12.17 12.47 4.74
N SER A 24 12.01 11.28 4.20
CA SER A 24 11.09 10.30 4.79
C SER A 24 11.46 9.98 6.22
N MET A 25 12.75 9.75 6.46
CA MET A 25 13.20 9.39 7.81
C MET A 25 12.99 10.53 8.81
N ARG A 26 13.26 11.77 8.39
CA ARG A 26 13.02 12.91 9.28
C ARG A 26 11.52 13.10 9.55
N LEU A 27 10.69 12.95 8.52
CA LEU A 27 9.25 13.01 8.70
C LEU A 27 8.80 11.97 9.73
N ALA A 28 9.28 10.74 9.60
CA ALA A 28 8.93 9.69 10.55
C ALA A 28 9.39 10.02 11.96
N GLU A 29 10.59 10.58 12.09
CA GLU A 29 11.11 10.99 13.38
C GLU A 29 10.20 12.04 14.03
N GLU A 30 9.65 12.93 13.21
CA GLU A 30 8.71 13.95 13.69
C GLU A 30 7.29 13.44 13.85
N ARG A 31 7.12 12.14 13.63
CA ARG A 31 5.83 11.42 13.75
C ARG A 31 4.82 11.76 12.65
N ALA A 32 5.31 12.41 11.59
CA ALA A 32 4.53 12.52 10.37
C ALA A 32 4.46 11.14 9.76
N ILE A 33 3.62 10.97 8.75
CA ILE A 33 3.46 9.69 8.09
C ILE A 33 3.96 9.82 6.65
N PRO A 34 5.21 9.41 6.40
CA PRO A 34 5.69 9.50 5.03
C PRO A 34 5.15 8.34 4.20
N VAL A 35 4.77 8.66 2.97
CA VAL A 35 4.29 7.68 2.03
C VAL A 35 5.24 7.73 0.84
N VAL A 36 6.09 6.71 0.72
CA VAL A 36 7.11 6.68 -0.32
C VAL A 36 6.50 6.26 -1.66
N PHE A 37 6.63 7.11 -2.67
CA PHE A 37 6.28 6.72 -4.04
C PHE A 37 7.60 6.51 -4.76
N ALA A 38 7.86 5.28 -5.19
CA ALA A 38 9.10 4.99 -5.89
C ALA A 38 8.96 3.72 -6.71
N ARG A 39 9.81 3.58 -7.71
CA ARG A 39 9.63 2.46 -8.63
C ARG A 39 10.24 1.14 -8.15
N HIS A 40 11.25 1.24 -7.29
CA HIS A 40 11.89 0.05 -6.76
C HIS A 40 11.65 -0.07 -5.26
N ALA A 41 11.45 -1.30 -4.80
CA ALA A 41 11.17 -1.54 -3.39
C ALA A 41 12.33 -1.06 -2.52
N PRO A 42 12.00 -0.34 -1.44
CA PRO A 42 13.02 0.12 -0.50
C PRO A 42 13.75 -1.05 0.18
N ASP A 43 14.98 -0.79 0.63
CA ASP A 43 15.73 -1.79 1.37
C ASP A 43 15.08 -2.07 2.73
N GLY A 44 15.21 -3.29 3.21
CA GLY A 44 14.54 -3.71 4.43
C GLY A 44 14.92 -2.91 5.66
N ALA A 45 16.20 -2.58 5.78
CA ALA A 45 16.65 -1.84 6.95
C ALA A 45 16.04 -0.44 7.00
N PHE A 46 15.93 0.19 5.84
CA PHE A 46 15.27 1.48 5.73
C PHE A 46 13.80 1.37 6.16
N LEU A 47 13.10 0.37 5.66
CA LEU A 47 11.71 0.17 6.05
C LEU A 47 11.58 -0.09 7.56
N ASP A 48 12.48 -0.89 8.13
CA ASP A 48 12.51 -1.14 9.57
C ASP A 48 12.65 0.16 10.34
N ALA A 49 13.61 0.98 9.94
CA ALA A 49 13.89 2.24 10.62
C ALA A 49 12.71 3.21 10.52
N LEU A 50 12.08 3.25 9.34
CA LEU A 50 10.90 4.10 9.15
C LEU A 50 9.77 3.64 10.08
N ALA A 51 9.48 2.33 10.08
CA ALA A 51 8.38 1.77 10.88
C ALA A 51 8.61 1.91 12.39
N GLN A 52 9.87 1.83 12.81
CA GLN A 52 10.20 2.03 14.21
C GLN A 52 9.83 3.44 14.67
N ARG A 53 10.04 4.43 13.81
CA ARG A 53 9.73 5.81 14.13
C ARG A 53 8.24 6.08 13.96
N GLN A 54 7.66 5.54 12.88
CA GLN A 54 6.26 5.76 12.56
C GLN A 54 5.70 4.52 11.89
N PRO A 55 5.02 3.67 12.66
CA PRO A 55 4.58 2.38 12.10
C PRO A 55 3.57 2.50 10.96
N ARG A 56 2.97 3.67 10.78
N ARG A 56 2.95 3.67 10.80
CA ARG A 56 2.01 3.85 9.71
CA ARG A 56 1.99 3.87 9.70
C ARG A 56 2.65 4.24 8.38
C ARG A 56 2.65 4.24 8.38
N ALA A 57 3.97 4.51 8.40
CA ALA A 57 4.70 4.84 7.17
C ALA A 57 4.51 3.70 6.17
N THR A 58 4.52 4.02 4.88
CA THR A 58 4.38 2.97 3.89
C THR A 58 5.03 3.34 2.57
N TYR A 59 5.00 2.37 1.66
CA TYR A 59 5.61 2.47 0.34
C TYR A 59 4.59 2.01 -0.71
N LEU A 60 4.49 2.76 -1.81
CA LEU A 60 3.70 2.36 -2.96
C LEU A 60 4.61 2.31 -4.18
N PRO A 61 4.60 1.18 -4.90
CA PRO A 61 5.38 1.11 -6.14
C PRO A 61 4.75 1.97 -7.22
N VAL A 62 5.51 2.93 -7.72
CA VAL A 62 5.02 3.87 -8.72
C VAL A 62 6.15 4.20 -9.68
N GLU A 63 5.91 4.01 -10.98
CA GLU A 63 6.76 4.60 -12.00
C GLU A 63 6.13 5.96 -12.30
N LEU A 64 6.82 7.02 -11.89
CA LEU A 64 6.25 8.36 -11.91
C LEU A 64 5.98 8.91 -13.30
N GLN A 65 6.64 8.33 -14.30
CA GLN A 65 6.44 8.77 -15.67
C GLN A 65 5.13 8.24 -16.25
N ASP A 66 4.46 7.35 -15.51
CA ASP A 66 3.17 6.81 -15.91
C ASP A 66 2.06 7.60 -15.18
N ASP A 67 1.35 8.42 -15.93
CA ASP A 67 0.35 9.30 -15.32
C ASP A 67 -0.73 8.54 -14.58
N ALA A 68 -1.16 7.42 -15.14
CA ALA A 68 -2.16 6.58 -14.49
C ALA A 68 -1.66 6.03 -13.16
N GLN A 69 -0.38 5.69 -13.10
CA GLN A 69 0.18 5.19 -11.84
C GLN A 69 0.21 6.27 -10.76
N CYS A 70 0.54 7.50 -11.13
CA CYS A 70 0.51 8.62 -10.19
C CYS A 70 -0.92 8.81 -9.69
N ARG A 71 -1.86 8.83 -10.64
CA ARG A 71 -3.28 9.02 -10.33
C ARG A 71 -3.77 7.98 -9.33
N ASP A 72 -3.53 6.71 -9.65
CA ASP A 72 -4.00 5.62 -8.81
C ASP A 72 -3.29 5.58 -7.45
N ALA A 73 -2.02 5.98 -7.40
CA ALA A 73 -1.30 5.93 -6.14
C ALA A 73 -1.74 7.04 -5.18
N VAL A 74 -2.02 8.22 -5.71
CA VAL A 74 -2.60 9.29 -4.88
C VAL A 74 -3.96 8.83 -4.38
N ALA A 75 -4.77 8.25 -5.26
CA ALA A 75 -6.07 7.74 -4.85
C ALA A 75 -5.95 6.68 -3.75
N GLN A 76 -4.97 5.79 -3.89
CA GLN A 76 -4.76 4.75 -2.88
C GLN A 76 -4.32 5.35 -1.54
N THR A 77 -3.52 6.41 -1.61
CA THR A 77 -3.06 7.09 -0.41
C THR A 77 -4.23 7.71 0.36
N ILE A 78 -5.12 8.36 -0.37
CA ILE A 78 -6.32 8.94 0.23
C ILE A 78 -7.24 7.85 0.77
N ALA A 79 -7.36 6.74 0.04
CA ALA A 79 -8.18 5.64 0.52
C ALA A 79 -7.65 5.04 1.82
N THR A 80 -6.32 4.99 1.93
CA THR A 80 -5.67 4.36 3.07
C THR A 80 -5.62 5.26 4.30
N PHE A 81 -5.34 6.54 4.11
CA PHE A 81 -5.11 7.47 5.23
C PHE A 81 -6.19 8.54 5.39
N GLY A 82 -7.00 8.75 4.37
CA GLY A 82 -8.13 9.66 4.47
C GLY A 82 -7.83 11.14 4.28
N ARG A 83 -6.56 11.47 4.08
CA ARG A 83 -6.13 12.87 3.98
C ARG A 83 -4.75 12.91 3.38
N LEU A 84 -4.35 14.09 2.90
CA LEU A 84 -2.98 14.32 2.47
C LEU A 84 -2.58 15.71 2.92
N ASP A 85 -1.45 15.78 3.64
CA ASP A 85 -0.98 17.03 4.23
C ASP A 85 0.25 17.60 3.54
N GLY A 86 0.96 16.79 2.78
CA GLY A 86 2.13 17.29 2.12
C GLY A 86 2.49 16.49 0.89
N LEU A 87 3.18 17.15 -0.04
CA LEU A 87 3.79 16.50 -1.18
C LEU A 87 5.22 16.98 -1.30
N VAL A 88 6.15 16.04 -1.32
CA VAL A 88 7.53 16.35 -1.65
C VAL A 88 7.84 15.74 -3.02
N ASN A 89 7.96 16.60 -4.03
CA ASN A 89 8.43 16.19 -5.35
C ASN A 89 9.94 16.14 -5.31
N ASN A 90 10.49 14.93 -5.43
CA ASN A 90 11.92 14.75 -5.23
C ASN A 90 12.61 13.84 -6.25
N ALA A 91 11.90 12.87 -6.82
CA ALA A 91 12.55 11.98 -7.77
C ALA A 91 13.15 12.74 -8.94
N GLY A 92 14.37 12.38 -9.32
CA GLY A 92 15.02 13.02 -10.43
C GLY A 92 16.32 12.35 -10.79
N VAL A 93 16.85 12.70 -11.96
CA VAL A 93 18.10 12.12 -12.44
C VAL A 93 18.82 13.10 -13.36
N ASN A 94 20.06 13.43 -13.01
CA ASN A 94 20.88 14.26 -13.88
C ASN A 94 21.38 13.39 -15.01
N ASP A 95 20.68 13.45 -16.14
CA ASP A 95 20.85 12.46 -17.20
C ASP A 95 21.74 12.86 -18.39
N GLY A 96 22.41 14.01 -18.28
CA GLY A 96 23.44 14.35 -19.25
C GLY A 96 22.98 14.45 -20.70
N ILE A 97 21.80 15.06 -20.90
CA ILE A 97 21.25 15.26 -22.24
C ILE A 97 21.61 16.66 -22.69
N GLY A 98 22.65 16.78 -23.52
CA GLY A 98 23.19 18.08 -23.89
C GLY A 98 22.59 18.67 -25.15
N LEU A 99 23.23 19.75 -25.62
CA LEU A 99 22.81 20.43 -26.84
C LEU A 99 22.86 19.57 -28.09
N ASP A 100 23.70 18.53 -28.08
CA ASP A 100 23.87 17.66 -29.24
C ASP A 100 22.85 16.52 -29.31
N ALA A 101 22.07 16.34 -28.24
CA ALA A 101 21.28 15.12 -28.07
C ALA A 101 20.07 15.03 -28.99
N GLY A 102 19.43 16.16 -29.24
CA GLY A 102 18.24 16.21 -30.07
C GLY A 102 16.94 16.22 -29.30
N ARG A 103 15.86 16.53 -30.00
CA ARG A 103 14.53 16.68 -29.40
C ARG A 103 14.04 15.50 -28.56
N ASP A 104 14.13 14.28 -29.11
CA ASP A 104 13.54 13.13 -28.42
C ASP A 104 14.19 12.90 -27.08
N ALA A 105 15.51 13.01 -27.03
CA ALA A 105 16.23 12.83 -25.77
C ALA A 105 15.94 13.94 -24.77
N PHE A 106 15.84 15.18 -25.26
CA PHE A 106 15.51 16.31 -24.42
C PHE A 106 14.13 16.10 -23.78
N VAL A 107 13.15 15.69 -24.59
CA VAL A 107 11.81 15.45 -24.07
C VAL A 107 11.79 14.28 -23.07
N ALA A 108 12.58 13.24 -23.35
CA ALA A 108 12.68 12.12 -22.41
C ALA A 108 13.22 12.57 -21.05
N SER A 109 14.17 13.51 -21.06
CA SER A 109 14.68 14.10 -19.83
C SER A 109 13.60 14.89 -19.07
N LEU A 110 12.81 15.66 -19.81
CA LEU A 110 11.66 16.34 -19.22
C LEU A 110 10.70 15.34 -18.55
N GLU A 111 10.48 14.20 -19.22
CA GLU A 111 9.64 13.16 -18.63
C GLU A 111 10.23 12.60 -17.35
N ARG A 112 11.55 12.40 -17.34
CA ARG A 112 12.22 11.81 -16.17
C ARG A 112 12.29 12.75 -14.97
N ASN A 113 12.15 14.04 -15.23
CA ASN A 113 12.36 15.05 -14.18
C ASN A 113 11.18 15.98 -13.95
N LEU A 114 10.85 16.76 -14.96
CA LEU A 114 9.87 17.84 -14.81
C LEU A 114 8.41 17.37 -14.76
N ILE A 115 8.03 16.53 -15.70
CA ILE A 115 6.62 16.32 -15.97
C ILE A 115 5.92 15.62 -14.81
N HIS A 116 6.62 14.75 -14.08
CA HIS A 116 5.98 14.11 -12.92
C HIS A 116 5.81 15.04 -11.72
N TYR A 117 6.61 16.10 -11.62
CA TYR A 117 6.36 17.09 -10.57
C TYR A 117 5.01 17.74 -10.81
N TYR A 118 4.72 18.07 -12.07
CA TYR A 118 3.41 18.62 -12.42
C TYR A 118 2.31 17.59 -12.17
N ALA A 119 2.50 16.37 -12.67
CA ALA A 119 1.48 15.32 -12.53
C ALA A 119 1.13 15.09 -11.06
N MET A 120 2.15 14.99 -10.22
CA MET A 120 1.91 14.77 -8.81
C MET A 120 1.17 15.94 -8.18
N ALA A 121 1.55 17.17 -8.52
CA ALA A 121 0.84 18.32 -7.97
C ALA A 121 -0.60 18.32 -8.46
N HIS A 122 -0.79 18.03 -9.74
CA HIS A 122 -2.13 17.94 -10.33
C HIS A 122 -3.05 17.01 -9.53
N TYR A 123 -2.56 15.83 -9.18
CA TYR A 123 -3.39 14.88 -8.43
C TYR A 123 -3.46 15.18 -6.95
N CYS A 124 -2.43 15.82 -6.39
CA CYS A 124 -2.38 16.04 -4.95
C CYS A 124 -3.11 17.29 -4.48
N VAL A 125 -3.14 18.31 -5.34
CA VAL A 125 -3.64 19.63 -4.91
C VAL A 125 -5.08 19.64 -4.35
N PRO A 126 -6.03 18.89 -4.96
CA PRO A 126 -7.37 18.93 -4.36
C PRO A 126 -7.36 18.48 -2.91
N HIS A 127 -6.49 17.52 -2.60
CA HIS A 127 -6.41 17.01 -1.24
C HIS A 127 -5.65 17.94 -0.32
N LEU A 128 -4.59 18.56 -0.84
CA LEU A 128 -3.84 19.54 -0.06
C LEU A 128 -4.70 20.74 0.32
N LYS A 129 -5.59 21.14 -0.57
CA LYS A 129 -6.51 22.24 -0.26
C LYS A 129 -7.36 21.92 0.96
N ALA A 130 -7.78 20.66 1.07
CA ALA A 130 -8.65 20.25 2.16
C ALA A 130 -7.97 20.31 3.52
N THR A 131 -6.64 20.18 3.54
CA THR A 131 -5.90 20.17 4.80
C THR A 131 -5.02 21.41 4.97
N ARG A 132 -5.08 22.35 4.02
CA ARG A 132 -4.20 23.50 4.01
C ARG A 132 -2.75 23.03 4.15
N GLY A 133 -2.41 22.03 3.32
CA GLY A 133 -1.12 21.39 3.37
C GLY A 133 -0.04 22.15 2.62
N ALA A 134 1.02 21.45 2.27
CA ALA A 134 2.18 22.12 1.70
C ALA A 134 2.89 21.25 0.68
N ILE A 135 3.60 21.92 -0.24
CA ILE A 135 4.39 21.24 -1.25
C ILE A 135 5.82 21.71 -1.11
N VAL A 136 6.77 20.77 -1.22
CA VAL A 136 8.17 21.13 -1.39
C VAL A 136 8.68 20.47 -2.67
N ASN A 137 9.28 21.26 -3.55
CA ASN A 137 9.90 20.76 -4.77
C ASN A 137 11.42 20.73 -4.61
N ILE A 138 12.04 19.60 -4.92
CA ILE A 138 13.50 19.55 -4.85
C ILE A 138 14.06 19.86 -6.23
N SER A 139 14.77 20.99 -6.32
CA SER A 139 15.35 21.39 -7.61
C SER A 139 16.85 21.10 -7.61
N SER A 140 17.65 21.95 -8.24
CA SER A 140 19.10 21.75 -8.28
C SER A 140 19.76 23.08 -8.59
N LYS A 141 20.97 23.29 -8.06
CA LYS A 141 21.66 24.55 -8.33
C LYS A 141 21.91 24.74 -9.81
N THR A 142 21.92 23.65 -10.59
CA THR A 142 22.14 23.76 -12.02
C THR A 142 21.04 24.60 -12.72
N ALA A 143 19.89 24.74 -12.07
CA ALA A 143 18.82 25.59 -12.59
C ALA A 143 19.30 27.03 -12.72
N VAL A 144 20.20 27.44 -11.83
CA VAL A 144 20.70 28.80 -11.89
C VAL A 144 22.18 28.91 -12.26
N THR A 145 22.96 27.85 -12.11
CA THR A 145 24.39 27.91 -12.42
C THR A 145 24.77 27.32 -13.77
N GLY A 146 23.90 26.49 -14.32
CA GLY A 146 24.29 25.65 -15.45
C GLY A 146 25.30 24.58 -15.02
N GLN A 147 25.69 23.74 -15.97
CA GLN A 147 26.71 22.71 -15.70
C GLN A 147 27.45 22.31 -16.97
N GLY A 148 26.72 22.26 -18.09
CA GLY A 148 27.25 21.74 -19.33
C GLY A 148 26.77 20.32 -19.58
N ASN A 149 26.41 20.04 -20.84
CA ASN A 149 26.00 18.72 -21.30
C ASN A 149 24.75 18.20 -20.59
N THR A 150 23.91 19.11 -20.11
CA THR A 150 22.74 18.65 -19.36
C THR A 150 21.52 19.59 -19.48
N SER A 151 21.26 20.01 -20.72
CA SER A 151 20.08 20.81 -21.06
C SER A 151 18.77 20.23 -20.54
N GLY A 152 18.58 18.92 -20.69
CA GLY A 152 17.33 18.30 -20.26
C GLY A 152 17.05 18.49 -18.78
N TYR A 153 18.03 18.16 -17.96
CA TYR A 153 17.92 18.28 -16.52
C TYR A 153 17.84 19.73 -16.07
N CYS A 154 18.73 20.57 -16.59
N CYS A 154 18.71 20.55 -16.61
CA CYS A 154 18.72 22.00 -16.26
CA CYS A 154 18.73 21.95 -16.27
C CYS A 154 17.36 22.63 -16.55
C CYS A 154 17.39 22.64 -16.55
N ALA A 155 16.84 22.37 -17.74
CA ALA A 155 15.52 22.89 -18.12
C ALA A 155 14.48 22.43 -17.10
N SER A 156 14.51 21.14 -16.78
CA SER A 156 13.56 20.59 -15.81
C SER A 156 13.68 21.26 -14.46
N LYS A 157 14.92 21.38 -13.98
CA LYS A 157 15.16 21.96 -12.66
C LYS A 157 14.76 23.44 -12.60
N GLY A 158 14.95 24.18 -13.70
CA GLY A 158 14.54 25.57 -13.75
C GLY A 158 13.04 25.69 -13.80
N ALA A 159 12.40 24.81 -14.55
CA ALA A 159 10.94 24.78 -14.62
C ALA A 159 10.34 24.51 -13.24
N GLN A 160 10.98 23.64 -12.46
CA GLN A 160 10.54 23.33 -11.10
C GLN A 160 10.58 24.55 -10.19
N LEU A 161 11.57 25.42 -10.37
CA LEU A 161 11.64 26.67 -9.61
C LEU A 161 10.52 27.60 -10.04
N ALA A 162 10.28 27.71 -11.34
CA ALA A 162 9.19 28.56 -11.83
C ALA A 162 7.84 28.05 -11.32
N LEU A 163 7.65 26.73 -11.37
CA LEU A 163 6.40 26.12 -10.88
C LEU A 163 6.17 26.37 -9.38
N THR A 164 7.26 26.44 -8.62
CA THR A 164 7.18 26.78 -7.20
C THR A 164 6.55 28.16 -7.00
N ARG A 165 6.98 29.15 -7.79
CA ARG A 165 6.40 30.48 -7.71
C ARG A 165 4.96 30.47 -8.21
N GLU A 166 4.74 29.79 -9.32
CA GLU A 166 3.40 29.72 -9.91
C GLU A 166 2.37 29.04 -8.99
N TRP A 167 2.73 27.90 -8.43
CA TRP A 167 1.81 27.20 -7.54
C TRP A 167 1.59 27.96 -6.24
N ALA A 168 2.62 28.65 -5.76
CA ALA A 168 2.44 29.52 -4.59
C ALA A 168 1.38 30.59 -4.85
N VAL A 169 1.45 31.20 -6.03
CA VAL A 169 0.42 32.14 -6.44
C VAL A 169 -0.94 31.46 -6.55
N ALA A 170 -1.00 30.36 -7.30
CA ALA A 170 -2.28 29.71 -7.58
C ALA A 170 -3.03 29.24 -6.33
N LEU A 171 -2.28 28.85 -5.31
CA LEU A 171 -2.86 28.18 -4.15
C LEU A 171 -2.90 29.05 -2.90
N ARG A 172 -2.50 30.31 -3.03
CA ARG A 172 -2.39 31.19 -1.88
C ARG A 172 -3.69 31.33 -1.08
N GLU A 173 -4.82 31.40 -1.77
CA GLU A 173 -6.07 31.66 -1.06
C GLU A 173 -6.57 30.41 -0.34
N HIS A 174 -5.98 29.27 -0.67
CA HIS A 174 -6.32 28.01 -0.03
C HIS A 174 -5.40 27.71 1.14
N GLY A 175 -4.46 28.62 1.40
CA GLY A 175 -3.49 28.43 2.46
C GLY A 175 -2.48 27.31 2.23
N VAL A 176 -2.32 26.89 0.98
CA VAL A 176 -1.33 25.86 0.65
C VAL A 176 -0.03 26.53 0.26
N ARG A 177 1.03 26.25 1.01
CA ARG A 177 2.34 26.87 0.78
C ARG A 177 3.14 25.98 -0.16
N VAL A 178 3.94 26.60 -1.03
CA VAL A 178 4.74 25.85 -2.00
C VAL A 178 6.15 26.42 -2.02
N ASN A 179 7.13 25.60 -1.70
CA ASN A 179 8.52 26.07 -1.66
C ASN A 179 9.45 25.08 -2.33
N ALA A 180 10.68 25.51 -2.58
CA ALA A 180 11.67 24.64 -3.20
C ALA A 180 12.95 24.61 -2.37
N VAL A 181 13.65 23.48 -2.46
CA VAL A 181 15.00 23.38 -1.90
C VAL A 181 15.97 23.12 -3.05
N ILE A 182 17.07 23.86 -3.04
CA ILE A 182 18.08 23.78 -4.08
C ILE A 182 19.38 23.27 -3.48
N PRO A 183 19.65 21.97 -3.69
CA PRO A 183 20.96 21.41 -3.32
C PRO A 183 21.99 21.68 -4.42
N ALA A 184 23.27 21.56 -4.09
CA ALA A 184 24.31 21.64 -5.10
C ALA A 184 24.98 20.27 -5.20
N GLU A 185 25.79 19.92 -4.20
CA GLU A 185 26.47 18.63 -4.22
C GLU A 185 26.10 17.82 -2.97
N VAL A 186 25.45 16.68 -3.16
CA VAL A 186 25.01 15.83 -2.04
C VAL A 186 25.38 14.40 -2.37
N MET A 187 26.09 13.72 -1.46
CA MET A 187 26.49 12.35 -1.77
C MET A 187 25.29 11.42 -1.60
N THR A 188 24.87 10.84 -2.71
CA THR A 188 23.71 9.95 -2.80
C THR A 188 24.02 8.87 -3.85
N PRO A 189 23.16 7.84 -3.96
CA PRO A 189 23.37 6.86 -5.04
C PRO A 189 23.38 7.51 -6.41
N LEU A 190 22.56 8.55 -6.60
CA LEU A 190 22.57 9.28 -7.86
C LEU A 190 23.94 9.91 -8.11
N TYR A 191 24.50 10.56 -7.09
CA TYR A 191 25.80 11.19 -7.28
C TYR A 191 26.88 10.14 -7.58
N ARG A 192 26.82 9.00 -6.88
CA ARG A 192 27.77 7.92 -7.13
C ARG A 192 27.74 7.48 -8.59
N ASN A 193 26.53 7.31 -9.12
CA ASN A 193 26.41 6.85 -10.49
C ASN A 193 26.79 7.92 -11.50
N TRP A 194 26.46 9.18 -11.19
CA TRP A 194 26.84 10.28 -12.05
C TRP A 194 28.36 10.46 -12.13
N ILE A 195 29.03 10.46 -10.97
CA ILE A 195 30.47 10.67 -10.97
C ILE A 195 31.20 9.52 -11.67
N ALA A 196 30.58 8.34 -11.66
CA ALA A 196 31.17 7.17 -12.28
C ALA A 196 31.22 7.27 -13.82
N THR A 197 30.54 8.25 -14.39
CA THR A 197 30.56 8.45 -15.84
C THR A 197 31.82 9.18 -16.31
N PHE A 198 32.59 9.72 -15.36
CA PHE A 198 33.83 10.44 -15.69
C PHE A 198 35.05 9.52 -15.79
N GLU A 199 36.07 10.01 -16.49
CA GLU A 199 37.32 9.28 -16.69
C GLU A 199 37.99 8.87 -15.38
N ASP A 200 37.98 9.77 -14.41
CA ASP A 200 38.69 9.57 -13.16
C ASP A 200 37.80 10.02 -12.01
N PRO A 201 36.86 9.15 -11.58
CA PRO A 201 35.83 9.56 -10.62
C PRO A 201 36.38 9.99 -9.25
N GLU A 202 37.40 9.29 -8.75
CA GLU A 202 37.98 9.65 -7.45
C GLU A 202 38.59 11.05 -7.46
N ALA A 203 39.36 11.36 -8.51
CA ALA A 203 39.96 12.67 -8.63
C ALA A 203 38.90 13.76 -8.86
N LYS A 204 37.89 13.43 -9.66
CA LYS A 204 36.84 14.39 -9.99
C LYS A 204 36.03 14.74 -8.75
N LEU A 205 35.70 13.73 -7.95
CA LEU A 205 34.96 13.93 -6.72
C LEU A 205 35.73 14.83 -5.77
N ALA A 206 37.02 14.55 -5.63
CA ALA A 206 37.88 15.36 -4.76
C ALA A 206 37.96 16.80 -5.26
N GLU A 207 38.05 16.97 -6.58
CA GLU A 207 38.09 18.28 -7.21
C GLU A 207 36.86 19.10 -6.85
N ILE A 208 35.70 18.46 -6.96
CA ILE A 208 34.43 19.15 -6.72
C ILE A 208 34.27 19.49 -5.24
N ALA A 209 34.58 18.53 -4.36
CA ALA A 209 34.45 18.75 -2.92
C ALA A 209 35.31 19.92 -2.47
N ALA A 210 36.50 20.04 -3.04
CA ALA A 210 37.43 21.12 -2.70
C ALA A 210 36.89 22.50 -3.04
N LYS A 211 35.88 22.54 -3.91
CA LYS A 211 35.25 23.79 -4.34
C LYS A 211 34.01 24.21 -3.55
N VAL A 212 33.55 23.38 -2.62
CA VAL A 212 32.42 23.74 -1.76
C VAL A 212 32.95 24.65 -0.66
N PRO A 213 32.46 25.91 -0.59
CA PRO A 213 33.05 26.88 0.32
C PRO A 213 33.04 26.47 1.79
N LEU A 214 31.92 25.96 2.29
CA LEU A 214 31.82 25.66 3.72
C LEU A 214 32.30 24.24 3.99
N GLY A 215 33.54 24.12 4.46
CA GLY A 215 34.08 22.82 4.85
C GLY A 215 34.72 21.97 3.77
N ARG A 216 34.66 22.44 2.52
CA ARG A 216 35.22 21.67 1.39
C ARG A 216 34.73 20.23 1.39
N ARG A 217 33.42 20.10 1.59
CA ARG A 217 32.78 18.80 1.72
C ARG A 217 31.38 18.89 1.15
N PHE A 218 30.84 17.76 0.73
CA PHE A 218 29.49 17.71 0.19
C PHE A 218 28.46 17.91 1.30
N THR A 219 27.31 18.42 0.89
CA THR A 219 26.14 18.54 1.75
C THR A 219 25.63 17.13 2.01
N THR A 220 25.07 16.90 3.20
CA THR A 220 24.50 15.58 3.48
C THR A 220 23.03 15.52 3.15
N PRO A 221 22.51 14.32 2.87
CA PRO A 221 21.06 14.18 2.71
C PRO A 221 20.27 14.71 3.90
N ASP A 222 20.77 14.48 5.12
CA ASP A 222 20.09 14.99 6.30
C ASP A 222 20.00 16.52 6.31
N GLU A 223 21.04 17.20 5.83
CA GLU A 223 20.99 18.65 5.74
C GLU A 223 19.90 19.13 4.77
N ILE A 224 19.78 18.49 3.61
CA ILE A 224 18.70 18.86 2.70
C ILE A 224 17.34 18.58 3.37
N ALA A 225 17.23 17.40 3.97
CA ALA A 225 15.98 16.96 4.57
C ALA A 225 15.48 17.88 5.68
N ASP A 226 16.38 18.38 6.52
CA ASP A 226 15.91 19.17 7.64
C ASP A 226 15.35 20.52 7.21
N THR A 227 15.93 21.12 6.17
CA THR A 227 15.33 22.32 5.59
C THR A 227 14.00 21.99 4.90
N ALA A 228 13.96 20.88 4.15
CA ALA A 228 12.73 20.49 3.49
C ALA A 228 11.57 20.24 4.46
N VAL A 229 11.85 19.55 5.56
CA VAL A 229 10.80 19.24 6.50
C VAL A 229 10.37 20.50 7.28
N PHE A 230 11.33 21.37 7.60
CA PHE A 230 10.97 22.66 8.18
C PHE A 230 9.95 23.39 7.28
N LEU A 231 10.21 23.38 5.97
CA LEU A 231 9.30 24.05 5.01
C LEU A 231 7.92 23.42 4.91
N LEU A 232 7.80 22.13 5.20
CA LEU A 232 6.49 21.47 5.21
C LEU A 232 5.67 21.85 6.44
N SER A 233 6.34 22.34 7.47
CA SER A 233 5.75 22.52 8.78
C SER A 233 5.18 23.91 8.97
N PRO A 234 4.23 24.06 9.91
CA PRO A 234 3.70 25.39 10.26
C PRO A 234 4.73 26.32 10.90
N ARG A 235 5.94 25.84 11.20
CA ARG A 235 6.99 26.78 11.62
C ARG A 235 7.37 27.72 10.47
N ALA A 236 7.07 27.31 9.24
CA ALA A 236 7.30 28.14 8.05
C ALA A 236 5.98 28.68 7.48
N SER A 237 5.06 29.02 8.39
CA SER A 237 3.67 29.34 8.02
C SER A 237 3.47 30.62 7.20
N HIS A 238 4.50 31.45 7.07
CA HIS A 238 4.39 32.57 6.11
C HIS A 238 5.43 32.52 5.01
N THR A 239 6.00 31.34 4.80
CA THR A 239 6.98 31.17 3.73
C THR A 239 6.33 30.42 2.59
N THR A 240 6.19 31.10 1.45
CA THR A 240 5.68 30.44 0.25
C THR A 240 6.30 31.08 -0.97
N GLY A 241 6.48 30.27 -2.02
CA GLY A 241 7.13 30.71 -3.23
C GLY A 241 8.64 30.70 -3.19
N GLU A 242 9.22 30.32 -2.06
CA GLU A 242 10.65 30.54 -1.86
C GLU A 242 11.54 29.41 -2.34
N TRP A 243 12.78 29.77 -2.70
CA TRP A 243 13.79 28.82 -3.13
C TRP A 243 14.90 28.86 -2.09
N LEU A 244 15.03 27.78 -1.32
CA LEU A 244 16.02 27.74 -0.25
C LEU A 244 17.25 26.96 -0.69
N PHE A 245 18.38 27.65 -0.76
CA PHE A 245 19.63 27.03 -1.17
C PHE A 245 20.31 26.43 0.05
N VAL A 246 20.56 25.12 -0.01
CA VAL A 246 21.23 24.42 1.06
C VAL A 246 22.42 23.76 0.40
N ASP A 247 23.55 24.45 0.40
CA ASP A 247 24.61 24.11 -0.54
C ASP A 247 26.03 24.45 -0.11
N GLY A 248 26.23 24.82 1.15
CA GLY A 248 27.57 25.12 1.63
C GLY A 248 28.18 26.36 0.98
N GLY A 249 27.36 27.23 0.42
CA GLY A 249 27.85 28.44 -0.24
C GLY A 249 28.18 28.26 -1.71
N TYR A 250 27.86 27.09 -2.26
CA TYR A 250 28.25 26.76 -3.62
C TYR A 250 27.77 27.77 -4.65
N THR A 251 26.50 28.12 -4.58
CA THR A 251 25.88 28.95 -5.61
C THR A 251 26.28 30.42 -5.51
N HIS A 252 26.31 30.96 -4.28
CA HIS A 252 26.37 32.41 -4.12
C HIS A 252 27.71 33.01 -3.69
N LEU A 253 28.65 32.20 -3.21
CA LEU A 253 29.90 32.78 -2.73
C LEU A 253 30.97 32.82 -3.82
N ASP A 254 31.83 33.83 -3.74
CA ASP A 254 32.90 34.09 -4.71
C ASP A 254 33.53 32.82 -5.27
N ARG A 255 33.48 32.65 -6.59
CA ARG A 255 34.01 31.45 -7.25
C ARG A 255 35.52 31.29 -7.01
N ALA A 256 36.19 32.39 -6.67
CA ALA A 256 37.65 32.42 -6.59
C ALA A 256 38.21 31.89 -5.26
N LEU A 257 37.34 31.69 -4.27
N LEU A 257 37.31 31.60 -4.33
CA LEU A 257 37.85 31.21 -2.97
CA LEU A 257 37.67 31.03 -3.04
C LEU A 257 38.30 29.75 -3.07
C LEU A 257 38.38 29.68 -3.18
N VAL A 258 39.32 29.41 -2.28
CA VAL A 258 39.92 28.09 -2.25
C VAL A 258 39.70 27.50 -0.86
N MET B 1 -5.83 -16.68 26.35
CA MET B 1 -5.01 -17.61 25.57
C MET B 1 -4.16 -16.85 24.56
N ASP B 2 -2.86 -16.86 24.77
CA ASP B 2 -1.93 -16.21 23.85
C ASP B 2 -1.93 -17.03 22.56
N LEU B 3 -2.18 -16.37 21.43
CA LEU B 3 -2.22 -17.07 20.15
C LEU B 3 -0.87 -17.03 19.44
N ASN B 4 0.07 -16.27 20.01
CA ASN B 4 1.40 -16.13 19.40
C ASN B 4 1.36 -15.69 17.94
N LEU B 5 0.46 -14.75 17.65
CA LEU B 5 0.35 -14.19 16.31
C LEU B 5 0.94 -12.79 16.22
N GLN B 6 1.63 -12.36 17.26
N GLN B 6 1.64 -12.37 17.26
CA GLN B 6 2.18 -11.01 17.27
CA GLN B 6 2.26 -11.05 17.29
C GLN B 6 3.18 -10.81 16.14
C GLN B 6 3.19 -10.83 16.10
N ASP B 7 2.95 -9.76 15.35
CA ASP B 7 3.78 -9.36 14.22
C ASP B 7 3.73 -10.34 13.04
N LYS B 8 2.81 -11.30 13.09
CA LYS B 8 2.60 -12.21 11.96
C LYS B 8 1.78 -11.55 10.85
N VAL B 9 2.27 -11.65 9.62
CA VAL B 9 1.66 -10.97 8.50
C VAL B 9 0.66 -11.87 7.81
N VAL B 10 -0.60 -11.44 7.75
CA VAL B 10 -1.66 -12.29 7.25
C VAL B 10 -2.51 -11.55 6.21
N ILE B 11 -2.54 -12.07 4.99
CA ILE B 11 -3.39 -11.49 3.95
C ILE B 11 -4.82 -11.96 4.15
N VAL B 12 -5.78 -11.04 4.14
CA VAL B 12 -7.19 -11.39 4.24
C VAL B 12 -7.90 -10.87 3.00
N THR B 13 -8.35 -11.76 2.13
CA THR B 13 -9.05 -11.30 0.92
C THR B 13 -10.48 -10.93 1.26
N GLY B 14 -10.95 -9.79 0.74
CA GLY B 14 -12.24 -9.24 1.16
C GLY B 14 -12.24 -8.86 2.63
N GLY B 15 -11.07 -8.42 3.10
CA GLY B 15 -10.83 -8.26 4.53
C GLY B 15 -11.34 -7.01 5.21
N ALA B 16 -12.20 -6.25 4.55
CA ALA B 16 -12.70 -5.01 5.14
C ALA B 16 -14.23 -4.94 5.20
N SER B 17 -14.88 -6.08 4.99
CA SER B 17 -16.34 -6.18 5.04
C SER B 17 -16.75 -7.48 5.70
N GLY B 18 -17.89 -7.49 6.39
CA GLY B 18 -18.48 -8.73 6.86
C GLY B 18 -17.51 -9.62 7.63
N ILE B 19 -17.49 -10.91 7.27
CA ILE B 19 -16.61 -11.89 7.92
C ILE B 19 -15.14 -11.52 7.81
N GLY B 20 -14.70 -11.14 6.60
CA GLY B 20 -13.33 -10.76 6.38
C GLY B 20 -12.92 -9.57 7.24
N GLY B 21 -13.82 -8.60 7.39
CA GLY B 21 -13.53 -7.44 8.20
C GLY B 21 -13.36 -7.84 9.66
N ALA B 22 -14.16 -8.80 10.11
CA ALA B 22 -14.06 -9.25 11.50
C ALA B 22 -12.77 -10.03 11.72
N ILE B 23 -12.35 -10.78 10.71
CA ILE B 23 -11.09 -11.50 10.78
C ILE B 23 -9.92 -10.51 10.89
N SER B 24 -9.92 -9.47 10.05
CA SER B 24 -8.88 -8.46 10.13
C SER B 24 -8.84 -7.78 11.50
N MET B 25 -10.01 -7.47 12.04
CA MET B 25 -10.07 -6.78 13.32
C MET B 25 -9.54 -7.66 14.45
N ARG B 26 -9.89 -8.95 14.44
CA ARG B 26 -9.38 -9.88 15.46
C ARG B 26 -7.88 -10.07 15.33
N LEU B 27 -7.39 -10.21 14.10
CA LEU B 27 -5.95 -10.31 13.87
C LEU B 27 -5.24 -9.12 14.49
N ALA B 28 -5.76 -7.93 14.22
CA ALA B 28 -5.17 -6.70 14.76
C ALA B 28 -5.20 -6.69 16.29
N GLU B 29 -6.31 -7.16 16.86
CA GLU B 29 -6.44 -7.25 18.32
C GLU B 29 -5.40 -8.17 18.93
N GLU B 30 -5.02 -9.20 18.17
CA GLU B 30 -4.00 -10.16 18.60
C GLU B 30 -2.60 -9.69 18.24
N ARG B 31 -2.53 -8.47 17.70
CA ARG B 31 -1.25 -7.83 17.30
C ARG B 31 -0.62 -8.46 16.07
N ALA B 32 -1.37 -9.29 15.36
CA ALA B 32 -0.97 -9.71 14.02
C ALA B 32 -1.06 -8.51 13.09
N ILE B 33 -0.55 -8.66 11.87
CA ILE B 33 -0.62 -7.57 10.89
C ILE B 33 -1.49 -8.01 9.73
N PRO B 34 -2.78 -7.62 9.76
CA PRO B 34 -3.64 -7.98 8.64
C PRO B 34 -3.35 -7.09 7.44
N VAL B 35 -3.39 -7.71 6.26
CA VAL B 35 -3.17 -7.01 5.01
C VAL B 35 -4.41 -7.28 4.17
N VAL B 36 -5.24 -6.26 4.00
CA VAL B 36 -6.53 -6.43 3.35
C VAL B 36 -6.36 -6.36 1.83
N PHE B 37 -6.72 -7.44 1.13
CA PHE B 37 -6.76 -7.41 -0.33
C PHE B 37 -8.23 -7.27 -0.71
N ALA B 38 -8.61 -6.14 -1.30
CA ALA B 38 -10.02 -5.96 -1.69
C ALA B 38 -10.12 -4.95 -2.81
N ARG B 39 -11.23 -4.99 -3.55
CA ARG B 39 -11.28 -4.16 -4.76
C ARG B 39 -11.81 -2.75 -4.53
N HIS B 40 -12.52 -2.55 -3.43
CA HIS B 40 -13.02 -1.22 -3.08
C HIS B 40 -12.37 -0.71 -1.81
N ALA B 41 -12.21 0.62 -1.73
CA ALA B 41 -11.62 1.26 -0.56
C ALA B 41 -12.41 0.95 0.69
N PRO B 42 -11.73 0.46 1.73
CA PRO B 42 -12.41 0.19 3.00
C PRO B 42 -12.98 1.46 3.61
N ASP B 43 -14.04 1.29 4.39
CA ASP B 43 -14.62 2.40 5.14
C ASP B 43 -13.56 3.05 6.03
N GLY B 44 -13.57 4.38 6.10
CA GLY B 44 -12.59 5.12 6.87
C GLY B 44 -12.56 4.78 8.35
N ALA B 45 -13.75 4.65 8.95
CA ALA B 45 -13.84 4.33 10.36
C ALA B 45 -13.30 2.93 10.65
N PHE B 46 -13.50 2.01 9.71
CA PHE B 46 -12.94 0.67 9.84
C PHE B 46 -11.41 0.74 9.86
N LEU B 47 -10.85 1.49 8.91
CA LEU B 47 -9.40 1.62 8.85
C LEU B 47 -8.85 2.30 10.10
N ASP B 48 -9.58 3.27 10.64
CA ASP B 48 -9.17 3.93 11.88
C ASP B 48 -9.12 2.92 13.03
N ALA B 49 -10.15 2.10 13.15
CA ALA B 49 -10.22 1.11 14.20
C ALA B 49 -9.11 0.07 14.06
N LEU B 50 -8.87 -0.35 12.83
CA LEU B 50 -7.81 -1.31 12.55
C LEU B 50 -6.45 -0.74 12.95
N ALA B 51 -6.16 0.49 12.51
CA ALA B 51 -4.87 1.13 12.78
C ALA B 51 -4.64 1.40 14.26
N GLN B 52 -5.71 1.64 15.01
CA GLN B 52 -5.60 1.84 16.44
C GLN B 52 -5.08 0.57 17.12
N ARG B 53 -5.55 -0.57 16.65
CA ARG B 53 -5.12 -1.86 17.20
C ARG B 53 -3.76 -2.28 16.66
N GLN B 54 -3.55 -2.07 15.37
CA GLN B 54 -2.31 -2.46 14.72
C GLN B 54 -1.93 -1.46 13.64
N PRO B 55 -1.05 -0.51 13.99
CA PRO B 55 -0.77 0.57 13.01
C PRO B 55 -0.06 0.12 11.76
N ARG B 56 0.48 -1.11 11.75
CA ARG B 56 1.14 -1.65 10.58
C ARG B 56 0.15 -2.23 9.57
N ALA B 57 -1.11 -2.41 10.00
CA ALA B 57 -2.15 -2.96 9.13
C ALA B 57 -2.29 -2.11 7.87
N THR B 58 -2.63 -2.75 6.76
CA THR B 58 -2.79 -1.97 5.54
C THR B 58 -3.80 -2.56 4.57
N TYR B 59 -3.99 -1.85 3.46
CA TYR B 59 -4.96 -2.19 2.43
C TYR B 59 -4.28 -2.09 1.08
N LEU B 60 -4.43 -3.13 0.25
CA LEU B 60 -4.00 -3.08 -1.14
C LEU B 60 -5.22 -3.29 -2.04
N PRO B 61 -5.41 -2.39 -3.00
CA PRO B 61 -6.49 -2.53 -3.98
C PRO B 61 -6.20 -3.70 -4.91
N VAL B 62 -7.11 -4.68 -4.91
CA VAL B 62 -6.93 -5.87 -5.73
C VAL B 62 -8.28 -6.34 -6.24
N GLU B 63 -8.42 -6.48 -7.55
CA GLU B 63 -9.50 -7.26 -8.12
C GLU B 63 -8.98 -8.69 -8.21
N LEU B 64 -9.51 -9.56 -7.36
CA LEU B 64 -8.99 -10.92 -7.20
C LEU B 64 -9.11 -11.78 -8.44
N GLN B 65 -10.01 -11.41 -9.34
CA GLN B 65 -10.18 -12.18 -10.57
C GLN B 65 -9.06 -11.92 -11.59
N ASP B 66 -8.25 -10.90 -11.32
CA ASP B 66 -7.13 -10.55 -12.19
C ASP B 66 -5.86 -11.20 -11.63
N ASP B 67 -5.36 -12.25 -12.29
CA ASP B 67 -4.21 -13.00 -11.78
C ASP B 67 -2.99 -12.12 -11.55
N ALA B 68 -2.76 -11.19 -12.45
CA ALA B 68 -1.63 -10.27 -12.33
C ALA B 68 -1.75 -9.39 -11.09
N GLN B 69 -2.96 -8.95 -10.77
CA GLN B 69 -3.14 -8.15 -9.56
C GLN B 69 -2.88 -8.96 -8.30
N CYS B 70 -3.26 -10.25 -8.30
CA CYS B 70 -2.94 -11.13 -7.19
C CYS B 70 -1.43 -11.28 -7.04
N ARG B 71 -0.75 -11.57 -8.15
CA ARG B 71 0.69 -11.76 -8.16
C ARG B 71 1.40 -10.52 -7.62
N ASP B 72 1.05 -9.36 -8.17
CA ASP B 72 1.72 -8.12 -7.79
C ASP B 72 1.47 -7.72 -6.35
N ALA B 73 0.27 -8.00 -5.84
CA ALA B 73 -0.06 -7.58 -4.48
C ALA B 73 0.63 -8.47 -3.45
N VAL B 74 0.74 -9.76 -3.75
CA VAL B 74 1.53 -10.64 -2.90
C VAL B 74 2.99 -10.17 -2.90
N ALA B 75 3.51 -9.85 -4.07
CA ALA B 75 4.88 -9.37 -4.17
C ALA B 75 5.08 -8.09 -3.35
N GLN B 76 4.11 -7.19 -3.43
N GLN B 76 4.12 -7.19 -3.44
CA GLN B 76 4.17 -5.92 -2.72
CA GLN B 76 4.21 -5.92 -2.72
C GLN B 76 4.14 -6.15 -1.21
C GLN B 76 4.13 -6.13 -1.20
N THR B 77 3.36 -7.12 -0.78
CA THR B 77 3.25 -7.44 0.64
C THR B 77 4.59 -7.96 1.13
N ILE B 78 5.22 -8.83 0.35
CA ILE B 78 6.53 -9.34 0.71
C ILE B 78 7.57 -8.22 0.73
N ALA B 79 7.51 -7.33 -0.25
CA ALA B 79 8.44 -6.20 -0.31
C ALA B 79 8.28 -5.27 0.90
N THR B 80 7.06 -5.13 1.40
CA THR B 80 6.80 -4.20 2.50
C THR B 80 7.10 -4.81 3.87
N PHE B 81 6.71 -6.07 4.06
CA PHE B 81 6.78 -6.70 5.38
C PHE B 81 7.90 -7.72 5.51
N GLY B 82 8.44 -8.16 4.38
CA GLY B 82 9.54 -9.11 4.37
C GLY B 82 9.15 -10.55 4.61
N ARG B 83 7.87 -10.82 4.83
CA ARG B 83 7.41 -12.16 5.21
C ARG B 83 5.91 -12.29 5.03
N LEU B 84 5.43 -13.54 4.97
CA LEU B 84 4.01 -13.82 4.99
C LEU B 84 3.75 -15.02 5.88
N ASP B 85 2.88 -14.85 6.87
CA ASP B 85 2.62 -15.90 7.85
C ASP B 85 1.27 -16.55 7.69
N GLY B 86 0.36 -15.90 6.98
CA GLY B 86 -0.95 -16.49 6.79
C GLY B 86 -1.67 -15.97 5.58
N LEU B 87 -2.59 -16.79 5.08
CA LEU B 87 -3.51 -16.38 4.02
C LEU B 87 -4.92 -16.77 4.43
N VAL B 88 -5.83 -15.80 4.44
CA VAL B 88 -7.24 -16.09 4.60
C VAL B 88 -7.94 -15.81 3.27
N ASN B 89 -8.29 -16.88 2.57
CA ASN B 89 -9.13 -16.79 1.39
C ASN B 89 -10.57 -16.61 1.84
N ASN B 90 -11.14 -15.44 1.60
CA ASN B 90 -12.46 -15.11 2.16
C ASN B 90 -13.41 -14.46 1.17
N ALA B 91 -12.90 -13.72 0.20
CA ALA B 91 -13.80 -13.02 -0.72
C ALA B 91 -14.70 -14.01 -1.46
N GLY B 92 -15.98 -13.69 -1.55
CA GLY B 92 -16.92 -14.57 -2.20
C GLY B 92 -18.27 -13.91 -2.38
N VAL B 93 -19.10 -14.48 -3.24
CA VAL B 93 -20.43 -13.93 -3.48
C VAL B 93 -21.39 -15.05 -3.88
N ASN B 94 -22.50 -15.18 -3.15
CA ASN B 94 -23.52 -16.15 -3.53
C ASN B 94 -24.34 -15.55 -4.66
N ASP B 95 -23.99 -15.93 -5.89
CA ASP B 95 -24.49 -15.20 -7.07
C ASP B 95 -25.68 -15.84 -7.79
N GLY B 96 -26.22 -16.91 -7.22
CA GLY B 96 -27.49 -17.43 -7.70
C GLY B 96 -27.48 -17.88 -9.16
N ILE B 97 -26.42 -18.59 -9.52
CA ILE B 97 -26.29 -19.16 -10.86
C ILE B 97 -26.78 -20.61 -10.82
N GLY B 98 -28.00 -20.84 -11.30
CA GLY B 98 -28.64 -22.13 -11.17
C GLY B 98 -28.46 -23.04 -12.36
N LEU B 99 -29.15 -24.19 -12.32
CA LEU B 99 -29.11 -25.16 -13.40
C LEU B 99 -29.49 -24.61 -14.78
N ASP B 100 -30.31 -23.57 -14.80
CA ASP B 100 -30.80 -23.02 -16.07
C ASP B 100 -29.88 -21.96 -16.68
N ALA B 101 -28.83 -21.57 -15.95
CA ALA B 101 -28.04 -20.39 -16.32
C ALA B 101 -27.14 -20.61 -17.53
N GLY B 102 -26.56 -21.81 -17.63
CA GLY B 102 -25.69 -22.13 -18.76
C GLY B 102 -24.22 -22.01 -18.39
N ARG B 103 -23.36 -22.60 -19.23
CA ARG B 103 -21.92 -22.70 -18.95
C ARG B 103 -21.22 -21.37 -18.67
N ASP B 104 -21.48 -20.34 -19.46
CA ASP B 104 -20.73 -19.10 -19.30
C ASP B 104 -20.98 -18.49 -17.93
N ALA B 105 -22.23 -18.47 -17.51
CA ALA B 105 -22.58 -17.95 -16.19
C ALA B 105 -22.00 -18.82 -15.07
N PHE B 106 -22.02 -20.14 -15.26
CA PHE B 106 -21.45 -21.05 -14.28
C PHE B 106 -19.95 -20.77 -14.12
N VAL B 107 -19.24 -20.64 -15.23
CA VAL B 107 -17.80 -20.37 -15.19
C VAL B 107 -17.51 -19.00 -14.57
N ALA B 108 -18.35 -18.01 -14.87
CA ALA B 108 -18.20 -16.70 -14.26
C ALA B 108 -18.33 -16.78 -12.73
N SER B 109 -19.20 -17.66 -12.23
CA SER B 109 -19.32 -17.87 -10.79
C SER B 109 -18.05 -18.48 -10.20
N LEU B 110 -17.47 -19.44 -10.91
CA LEU B 110 -16.21 -20.03 -10.50
C LEU B 110 -15.10 -18.99 -10.42
N GLU B 111 -15.09 -18.05 -11.37
CA GLU B 111 -14.10 -16.95 -11.34
C GLU B 111 -14.34 -16.04 -10.14
N ARG B 112 -15.60 -15.76 -9.84
CA ARG B 112 -15.92 -14.88 -8.70
C ARG B 112 -15.64 -15.50 -7.35
N ASN B 113 -15.58 -16.83 -7.30
CA ASN B 113 -15.49 -17.52 -6.02
C ASN B 113 -14.28 -18.45 -5.87
N LEU B 114 -14.21 -19.45 -6.75
CA LEU B 114 -13.25 -20.52 -6.61
C LEU B 114 -11.85 -20.15 -7.07
N ILE B 115 -11.76 -19.59 -8.28
CA ILE B 115 -10.47 -19.52 -8.95
C ILE B 115 -9.44 -18.65 -8.22
N HIS B 116 -9.88 -17.56 -7.59
CA HIS B 116 -8.95 -16.73 -6.84
C HIS B 116 -8.46 -17.36 -5.53
N TYR B 117 -9.19 -18.32 -4.96
CA TYR B 117 -8.65 -19.03 -3.80
C TYR B 117 -7.42 -19.80 -4.25
N TYR B 118 -7.50 -20.44 -5.42
CA TYR B 118 -6.34 -21.11 -5.97
C TYR B 118 -5.22 -20.11 -6.30
N ALA B 119 -5.56 -19.05 -7.01
CA ALA B 119 -4.53 -18.09 -7.45
C ALA B 119 -3.77 -17.52 -6.25
N MET B 120 -4.52 -17.12 -5.23
CA MET B 120 -3.93 -16.64 -4.00
C MET B 120 -3.02 -17.67 -3.33
N ALA B 121 -3.46 -18.92 -3.21
CA ALA B 121 -2.61 -19.94 -2.64
C ALA B 121 -1.36 -20.14 -3.50
N HIS B 122 -1.56 -20.19 -4.81
CA HIS B 122 -0.45 -20.33 -5.75
C HIS B 122 0.65 -19.32 -5.47
N TYR B 123 0.28 -18.05 -5.32
CA TYR B 123 1.27 -17.00 -5.08
C TYR B 123 1.79 -16.91 -3.65
N CYS B 124 1.00 -17.37 -2.69
CA CYS B 124 1.36 -17.22 -1.27
C CYS B 124 2.20 -18.36 -0.74
N VAL B 125 1.96 -19.57 -1.25
CA VAL B 125 2.60 -20.77 -0.70
C VAL B 125 4.14 -20.74 -0.58
N PRO B 126 4.86 -20.21 -1.59
CA PRO B 126 6.32 -20.17 -1.42
C PRO B 126 6.72 -19.40 -0.17
N HIS B 127 5.99 -18.33 0.11
CA HIS B 127 6.28 -17.51 1.28
C HIS B 127 5.84 -18.16 2.58
N LEU B 128 4.69 -18.83 2.55
CA LEU B 128 4.17 -19.54 3.72
C LEU B 128 5.12 -20.68 4.11
N LYS B 129 5.74 -21.31 3.12
CA LYS B 129 6.72 -22.33 3.41
C LYS B 129 7.88 -21.76 4.25
N ALA B 130 8.29 -20.54 3.92
CA ALA B 130 9.42 -19.91 4.59
C ALA B 130 9.14 -19.63 6.07
N THR B 131 7.87 -19.46 6.42
CA THR B 131 7.50 -19.15 7.79
C THR B 131 6.75 -20.26 8.51
N ARG B 132 6.57 -21.39 7.84
CA ARG B 132 5.71 -22.47 8.35
C ARG B 132 4.37 -21.87 8.75
N GLY B 133 3.81 -21.12 7.79
CA GLY B 133 2.58 -20.38 8.00
C GLY B 133 1.33 -21.22 7.81
N ALA B 134 0.21 -20.55 7.63
CA ALA B 134 -1.07 -21.24 7.60
C ALA B 134 -2.07 -20.60 6.63
N ILE B 135 -3.00 -21.42 6.16
CA ILE B 135 -4.06 -20.96 5.27
C ILE B 135 -5.40 -21.28 5.92
N VAL B 136 -6.34 -20.33 5.87
CA VAL B 136 -7.73 -20.61 6.18
C VAL B 136 -8.59 -20.25 4.98
N ASN B 137 -9.40 -21.20 4.54
CA ASN B 137 -10.35 -20.98 3.45
C ASN B 137 -11.75 -20.82 4.02
N ILE B 138 -12.44 -19.73 3.68
CA ILE B 138 -13.83 -19.58 4.10
C ILE B 138 -14.76 -20.17 3.05
N SER B 139 -15.44 -21.25 3.40
CA SER B 139 -16.35 -21.93 2.49
C SER B 139 -17.80 -21.52 2.84
N SER B 140 -18.76 -22.44 2.70
CA SER B 140 -20.16 -22.16 3.03
C SER B 140 -20.86 -23.46 3.29
N LYS B 141 -21.85 -23.47 4.18
CA LYS B 141 -22.58 -24.71 4.44
C LYS B 141 -23.25 -25.24 3.17
N THR B 142 -23.50 -24.37 2.20
CA THR B 142 -24.11 -24.81 0.94
C THR B 142 -23.28 -25.87 0.20
N ALA B 143 -21.97 -25.93 0.46
CA ALA B 143 -21.10 -26.95 -0.12
C ALA B 143 -21.55 -28.36 0.27
N VAL B 144 -22.15 -28.50 1.44
CA VAL B 144 -22.65 -29.81 1.86
C VAL B 144 -24.16 -29.92 1.96
N THR B 145 -24.85 -28.78 2.07
CA THR B 145 -26.31 -28.80 2.23
C THR B 145 -27.07 -28.54 0.93
N GLY B 146 -26.41 -27.92 -0.04
CA GLY B 146 -27.13 -27.36 -1.18
C GLY B 146 -27.97 -26.17 -0.77
N GLN B 147 -28.63 -25.55 -1.74
CA GLN B 147 -29.53 -24.44 -1.45
C GLN B 147 -30.62 -24.29 -2.51
N GLY B 148 -30.26 -24.58 -3.76
CA GLY B 148 -31.13 -24.37 -4.91
C GLY B 148 -30.77 -23.09 -5.64
N ASN B 149 -30.83 -23.11 -6.96
CA ASN B 149 -30.53 -21.95 -7.81
C ASN B 149 -29.15 -21.35 -7.60
N THR B 150 -28.19 -22.16 -7.18
CA THR B 150 -26.84 -21.63 -6.97
C THR B 150 -25.71 -22.65 -7.20
N SER B 151 -25.80 -23.36 -8.32
CA SER B 151 -24.78 -24.28 -8.78
C SER B 151 -23.37 -23.69 -8.79
N GLY B 152 -23.23 -22.48 -9.31
CA GLY B 152 -21.90 -21.88 -9.43
C GLY B 152 -21.23 -21.70 -8.08
N TYR B 153 -21.96 -21.15 -7.13
CA TYR B 153 -21.43 -20.90 -5.79
C TYR B 153 -21.22 -22.19 -5.01
N CYS B 154 -22.21 -23.08 -5.04
N CYS B 154 -22.21 -23.06 -5.06
CA CYS B 154 -22.09 -24.38 -4.37
CA CYS B 154 -22.11 -24.35 -4.39
C CYS B 154 -20.86 -25.14 -4.88
C CYS B 154 -20.89 -25.14 -4.88
N ALA B 155 -20.73 -25.23 -6.20
CA ALA B 155 -19.56 -25.90 -6.79
C ALA B 155 -18.27 -25.26 -6.26
N SER B 156 -18.22 -23.93 -6.27
CA SER B 156 -17.05 -23.21 -5.77
C SER B 156 -16.73 -23.54 -4.32
N LYS B 157 -17.77 -23.49 -3.48
CA LYS B 157 -17.60 -23.68 -2.04
C LYS B 157 -17.20 -25.11 -1.74
N GLY B 158 -17.73 -26.07 -2.50
CA GLY B 158 -17.33 -27.46 -2.38
C GLY B 158 -15.89 -27.70 -2.84
N ALA B 159 -15.52 -27.07 -3.95
CA ALA B 159 -14.13 -27.15 -4.43
C ALA B 159 -13.18 -26.59 -3.37
N GLN B 160 -13.59 -25.55 -2.68
CA GLN B 160 -12.77 -24.95 -1.61
C GLN B 160 -12.54 -25.92 -0.44
N LEU B 161 -13.53 -26.75 -0.12
CA LEU B 161 -13.35 -27.77 0.90
C LEU B 161 -12.35 -28.85 0.43
N ALA B 162 -12.51 -29.29 -0.82
CA ALA B 162 -11.58 -30.28 -1.37
C ALA B 162 -10.15 -29.74 -1.40
N LEU B 163 -10.00 -28.48 -1.79
CA LEU B 163 -8.67 -27.87 -1.87
C LEU B 163 -8.02 -27.76 -0.50
N THR B 164 -8.86 -27.62 0.53
CA THR B 164 -8.37 -27.58 1.90
C THR B 164 -7.70 -28.91 2.25
N ARG B 165 -8.34 -30.03 1.89
CA ARG B 165 -7.76 -31.35 2.10
C ARG B 165 -6.51 -31.53 1.25
N GLU B 166 -6.61 -31.14 -0.02
CA GLU B 166 -5.51 -31.30 -0.97
C GLU B 166 -4.27 -30.51 -0.58
N TRP B 167 -4.45 -29.25 -0.21
CA TRP B 167 -3.34 -28.40 0.16
C TRP B 167 -2.75 -28.85 1.49
N ALA B 168 -3.60 -29.36 2.39
CA ALA B 168 -3.10 -29.91 3.64
C ALA B 168 -2.13 -31.06 3.37
N VAL B 169 -2.50 -31.94 2.45
CA VAL B 169 -1.62 -33.03 2.04
C VAL B 169 -0.35 -32.48 1.38
N ALA B 170 -0.53 -31.60 0.43
CA ALA B 170 0.58 -31.09 -0.37
C ALA B 170 1.65 -30.41 0.49
N LEU B 171 1.22 -29.72 1.52
CA LEU B 171 2.10 -28.84 2.28
C LEU B 171 2.50 -29.38 3.64
N ARG B 172 2.12 -30.61 3.94
CA ARG B 172 2.37 -31.21 5.27
C ARG B 172 3.85 -31.23 5.67
N GLU B 173 4.73 -31.57 4.73
CA GLU B 173 6.15 -31.72 5.05
C GLU B 173 6.83 -30.37 5.26
N HIS B 174 6.12 -29.31 4.90
CA HIS B 174 6.62 -27.94 5.08
C HIS B 174 6.06 -27.29 6.33
N GLY B 175 5.17 -28.01 7.02
CA GLY B 175 4.59 -27.49 8.25
C GLY B 175 3.58 -26.38 8.04
N VAL B 176 3.07 -26.29 6.82
CA VAL B 176 2.04 -25.29 6.53
C VAL B 176 0.68 -25.96 6.70
N ARG B 177 -0.11 -25.47 7.66
CA ARG B 177 -1.42 -26.05 7.94
C ARG B 177 -2.47 -25.38 7.09
N VAL B 178 -3.47 -26.14 6.66
CA VAL B 178 -4.53 -25.60 5.82
C VAL B 178 -5.89 -26.08 6.33
N ASN B 179 -6.77 -25.15 6.66
CA ASN B 179 -8.07 -25.50 7.23
C ASN B 179 -9.14 -24.62 6.65
N ALA B 180 -10.40 -25.00 6.86
CA ALA B 180 -11.52 -24.24 6.36
C ALA B 180 -12.49 -23.93 7.48
N VAL B 181 -13.19 -22.81 7.36
CA VAL B 181 -14.31 -22.51 8.23
C VAL B 181 -15.59 -22.48 7.39
N ILE B 182 -16.63 -23.12 7.89
CA ILE B 182 -17.91 -23.21 7.20
C ILE B 182 -19.02 -22.46 7.96
N PRO B 183 -19.33 -21.23 7.53
CA PRO B 183 -20.49 -20.54 8.09
C PRO B 183 -21.78 -20.99 7.42
N ALA B 184 -22.92 -20.69 8.05
CA ALA B 184 -24.21 -20.93 7.43
C ALA B 184 -24.92 -19.59 7.17
N GLU B 185 -25.36 -18.93 8.23
CA GLU B 185 -26.05 -17.65 8.10
C GLU B 185 -25.37 -16.61 8.97
N VAL B 186 -24.87 -15.54 8.33
CA VAL B 186 -24.13 -14.48 9.03
C VAL B 186 -24.59 -13.15 8.43
N MET B 187 -25.02 -12.22 9.27
CA MET B 187 -25.47 -10.93 8.74
C MET B 187 -24.30 -10.07 8.31
N THR B 188 -24.19 -9.86 6.99
CA THR B 188 -23.10 -9.10 6.37
C THR B 188 -23.69 -8.30 5.21
N PRO B 189 -22.89 -7.40 4.60
CA PRO B 189 -23.43 -6.74 3.42
C PRO B 189 -23.83 -7.73 2.31
N LEU B 190 -23.10 -8.83 2.17
CA LEU B 190 -23.48 -9.85 1.20
C LEU B 190 -24.88 -10.40 1.50
N TYR B 191 -25.14 -10.73 2.76
CA TYR B 191 -26.44 -11.28 3.14
C TYR B 191 -27.57 -10.28 2.87
N ARG B 192 -27.31 -9.01 3.17
CA ARG B 192 -28.32 -7.98 2.93
C ARG B 192 -28.69 -7.88 1.46
N ASN B 193 -27.66 -7.91 0.60
CA ASN B 193 -27.91 -7.83 -0.83
C ASN B 193 -28.55 -9.11 -1.37
N TRP B 194 -28.18 -10.26 -0.81
CA TRP B 194 -28.77 -11.54 -1.20
C TRP B 194 -30.25 -11.63 -0.79
N ILE B 195 -30.55 -11.32 0.47
CA ILE B 195 -31.92 -11.44 0.95
C ILE B 195 -32.85 -10.47 0.20
N ALA B 196 -32.29 -9.37 -0.29
CA ALA B 196 -33.08 -8.35 -0.97
C ALA B 196 -33.63 -8.82 -2.32
N THR B 197 -33.11 -9.93 -2.82
CA THR B 197 -33.57 -10.48 -4.11
C THR B 197 -34.83 -11.33 -3.94
N PHE B 198 -35.28 -11.48 -2.69
CA PHE B 198 -36.52 -12.19 -2.39
C PHE B 198 -37.71 -11.23 -2.36
N GLU B 199 -38.92 -11.79 -2.53
CA GLU B 199 -40.14 -10.99 -2.62
C GLU B 199 -40.53 -10.29 -1.32
N ASP B 200 -40.30 -10.94 -0.19
CA ASP B 200 -40.51 -10.33 1.11
C ASP B 200 -39.26 -10.55 1.98
N PRO B 201 -38.24 -9.70 1.79
CA PRO B 201 -36.94 -9.84 2.44
C PRO B 201 -37.06 -9.87 3.97
N GLU B 202 -37.87 -8.99 4.54
CA GLU B 202 -38.05 -8.93 5.99
C GLU B 202 -38.54 -10.26 6.55
N ALA B 203 -39.57 -10.83 5.92
CA ALA B 203 -40.15 -12.07 6.40
C ALA B 203 -39.25 -13.27 6.11
N LYS B 204 -38.58 -13.23 4.96
CA LYS B 204 -37.66 -14.31 4.58
C LYS B 204 -36.54 -14.43 5.60
N LEU B 205 -36.00 -13.28 6.01
CA LEU B 205 -34.92 -13.22 6.98
C LEU B 205 -35.33 -13.82 8.32
N ALA B 206 -36.50 -13.40 8.81
CA ALA B 206 -37.03 -13.89 10.08
C ALA B 206 -37.24 -15.40 10.02
N GLU B 207 -37.75 -15.85 8.89
CA GLU B 207 -38.03 -17.27 8.67
C GLU B 207 -36.74 -18.11 8.70
N ILE B 208 -35.67 -17.60 8.13
CA ILE B 208 -34.38 -18.28 8.17
C ILE B 208 -33.79 -18.29 9.58
N ALA B 209 -33.82 -17.13 10.24
CA ALA B 209 -33.27 -17.05 11.59
C ALA B 209 -33.92 -18.04 12.55
N ALA B 210 -35.23 -18.23 12.39
CA ALA B 210 -35.98 -19.12 13.27
C ALA B 210 -35.57 -20.57 13.12
N LYS B 211 -34.90 -20.88 12.00
CA LYS B 211 -34.45 -22.23 11.73
C LYS B 211 -33.05 -22.51 12.23
N VAL B 212 -32.37 -21.50 12.78
CA VAL B 212 -31.04 -21.73 13.32
C VAL B 212 -31.17 -22.32 14.74
N PRO B 213 -30.65 -23.55 14.93
CA PRO B 213 -30.96 -24.26 16.19
C PRO B 213 -30.53 -23.53 17.45
N LEU B 214 -29.32 -23.01 17.50
CA LEU B 214 -28.84 -22.36 18.71
C LEU B 214 -29.24 -20.90 18.76
N GLY B 215 -30.28 -20.60 19.53
CA GLY B 215 -30.69 -19.24 19.78
C GLY B 215 -31.59 -18.62 18.73
N ARG B 216 -31.92 -19.37 17.67
CA ARG B 216 -32.77 -18.88 16.60
C ARG B 216 -32.30 -17.50 16.09
N ARG B 217 -31.00 -17.41 15.84
CA ARG B 217 -30.39 -16.15 15.46
C ARG B 217 -29.22 -16.45 14.52
N PHE B 218 -28.84 -15.47 13.71
CA PHE B 218 -27.68 -15.64 12.82
C PHE B 218 -26.37 -15.68 13.63
N THR B 219 -25.38 -16.38 13.09
CA THR B 219 -24.02 -16.34 13.59
C THR B 219 -23.46 -14.94 13.34
N THR B 220 -22.56 -14.46 14.20
CA THR B 220 -21.99 -13.15 13.98
C THR B 220 -20.66 -13.24 13.24
N PRO B 221 -20.27 -12.17 12.55
CA PRO B 221 -18.94 -12.15 11.94
C PRO B 221 -17.83 -12.42 12.96
N ASP B 222 -17.95 -11.92 14.19
CA ASP B 222 -16.92 -12.15 15.19
C ASP B 222 -16.80 -13.61 15.58
N GLU B 223 -17.94 -14.31 15.58
CA GLU B 223 -17.94 -15.75 15.83
C GLU B 223 -17.18 -16.51 14.75
N ILE B 224 -17.42 -16.17 13.49
CA ILE B 224 -16.65 -16.80 12.42
C ILE B 224 -15.17 -16.44 12.60
N ALA B 225 -14.89 -15.16 12.85
CA ALA B 225 -13.51 -14.68 12.94
C ALA B 225 -12.71 -15.36 14.05
N ASP B 226 -13.34 -15.62 15.19
CA ASP B 226 -12.56 -16.16 16.31
C ASP B 226 -12.09 -17.58 16.05
N THR B 227 -12.93 -18.39 15.39
CA THR B 227 -12.49 -19.71 14.98
C THR B 227 -11.44 -19.61 13.86
N ALA B 228 -11.64 -18.72 12.90
CA ALA B 228 -10.68 -18.56 11.80
C ALA B 228 -9.30 -18.17 12.32
N VAL B 229 -9.27 -17.24 13.27
CA VAL B 229 -7.98 -16.77 13.79
C VAL B 229 -7.32 -17.83 14.68
N PHE B 230 -8.12 -18.55 15.48
CA PHE B 230 -7.59 -19.70 16.22
C PHE B 230 -6.88 -20.66 15.27
N LEU B 231 -7.50 -20.94 14.13
CA LEU B 231 -6.95 -21.88 13.16
C LEU B 231 -5.65 -21.39 12.50
N LEU B 232 -5.44 -20.08 12.44
CA LEU B 232 -4.19 -19.51 11.93
C LEU B 232 -3.03 -19.63 12.91
N SER B 233 -3.37 -19.87 14.18
CA SER B 233 -2.41 -19.73 15.28
C SER B 233 -1.79 -21.08 15.64
N PRO B 234 -0.61 -21.05 16.28
CA PRO B 234 -0.01 -22.33 16.72
C PRO B 234 -0.78 -23.01 17.86
N ARG B 235 -1.85 -22.41 18.36
CA ARG B 235 -2.72 -23.15 19.28
C ARG B 235 -3.41 -24.30 18.56
N ALA B 236 -3.45 -24.22 17.23
CA ALA B 236 -4.04 -25.28 16.42
C ALA B 236 -2.94 -26.01 15.64
N SER B 237 -1.81 -26.21 16.29
CA SER B 237 -0.58 -26.68 15.64
C SER B 237 -0.62 -28.12 15.09
N HIS B 238 -1.60 -28.92 15.49
CA HIS B 238 -1.80 -30.21 14.84
C HIS B 238 -3.15 -30.34 14.12
N THR B 239 -3.75 -29.20 13.81
CA THR B 239 -4.99 -29.19 13.04
C THR B 239 -4.69 -28.80 11.60
N THR B 240 -4.87 -29.76 10.69
CA THR B 240 -4.71 -29.47 9.26
C THR B 240 -5.67 -30.33 8.45
N GLY B 241 -6.17 -29.74 7.36
CA GLY B 241 -7.14 -30.40 6.49
C GLY B 241 -8.57 -30.34 6.96
N GLU B 242 -8.81 -29.68 8.10
CA GLU B 242 -10.13 -29.75 8.74
C GLU B 242 -11.11 -28.70 8.25
N TRP B 243 -12.39 -29.04 8.38
CA TRP B 243 -13.49 -28.14 8.03
C TRP B 243 -14.24 -27.86 9.32
N LEU B 244 -14.17 -26.61 9.81
CA LEU B 244 -14.81 -26.27 11.08
C LEU B 244 -16.13 -25.54 10.83
N PHE B 245 -17.22 -26.16 11.29
CA PHE B 245 -18.55 -25.60 11.10
C PHE B 245 -18.85 -24.67 12.26
N VAL B 246 -19.14 -23.41 11.95
CA VAL B 246 -19.45 -22.42 12.95
C VAL B 246 -20.80 -21.85 12.53
N ASP B 247 -21.88 -22.49 13.02
CA ASP B 247 -23.16 -22.33 12.35
C ASP B 247 -24.40 -22.45 13.24
N GLY B 248 -24.18 -22.49 14.55
CA GLY B 248 -25.30 -22.62 15.47
C GLY B 248 -26.07 -23.92 15.33
N GLY B 249 -25.44 -24.95 14.77
CA GLY B 249 -26.08 -26.25 14.61
C GLY B 249 -26.84 -26.41 13.29
N TYR B 250 -26.75 -25.39 12.43
CA TYR B 250 -27.50 -25.38 11.16
C TYR B 250 -27.31 -26.62 10.31
N THR B 251 -26.05 -27.04 10.12
CA THR B 251 -25.76 -28.12 9.18
C THR B 251 -26.08 -29.51 9.74
N HIS B 252 -25.80 -29.72 11.03
CA HIS B 252 -25.77 -31.08 11.58
C HIS B 252 -26.91 -31.50 12.49
N LEU B 253 -27.67 -30.55 13.03
CA LEU B 253 -28.73 -30.91 13.97
C LEU B 253 -30.06 -31.13 13.26
N ASP B 254 -30.88 -32.01 13.83
CA ASP B 254 -32.18 -32.44 13.27
C ASP B 254 -32.96 -31.31 12.61
N ARG B 255 -33.24 -31.46 11.31
CA ARG B 255 -33.98 -30.44 10.56
C ARG B 255 -35.36 -30.13 11.17
N ALA B 256 -35.89 -31.08 11.95
CA ALA B 256 -37.25 -30.97 12.49
C ALA B 256 -37.39 -30.07 13.73
N LEU B 257 -36.27 -29.66 14.31
CA LEU B 257 -36.29 -28.77 15.48
C LEU B 257 -36.98 -27.46 15.16
N VAL B 258 -37.71 -26.91 16.13
CA VAL B 258 -38.35 -25.62 15.96
C VAL B 258 -37.90 -24.67 17.05
N MET C 1 25.87 54.60 -31.29
CA MET C 1 26.67 53.45 -30.93
C MET C 1 26.64 52.39 -32.04
N ASP C 2 27.78 52.19 -32.70
CA ASP C 2 27.90 51.14 -33.71
C ASP C 2 27.79 49.77 -33.02
N LEU C 3 26.84 48.95 -33.47
CA LEU C 3 26.67 47.62 -32.88
C LEU C 3 27.46 46.55 -33.62
N ASN C 4 28.08 46.93 -34.74
CA ASN C 4 28.85 46.00 -35.57
C ASN C 4 28.07 44.74 -35.91
N LEU C 5 26.80 44.91 -36.27
CA LEU C 5 25.97 43.78 -36.67
C LEU C 5 25.71 43.77 -38.17
N GLN C 6 26.42 44.62 -38.91
CA GLN C 6 26.21 44.69 -40.35
C GLN C 6 26.48 43.34 -41.02
N ASP C 7 25.51 42.88 -41.79
CA ASP C 7 25.60 41.62 -42.54
C ASP C 7 25.63 40.36 -41.68
N LYS C 8 25.35 40.51 -40.39
CA LYS C 8 25.24 39.36 -39.51
C LYS C 8 23.86 38.74 -39.67
N VAL C 9 23.84 37.42 -39.85
CA VAL C 9 22.62 36.68 -40.13
C VAL C 9 21.99 36.18 -38.83
N VAL C 10 20.77 36.62 -38.55
CA VAL C 10 20.11 36.29 -37.29
C VAL C 10 18.71 35.72 -37.51
N ILE C 11 18.49 34.48 -37.07
CA ILE C 11 17.16 33.90 -37.08
C ILE C 11 16.35 34.46 -35.91
N VAL C 12 15.13 34.93 -36.21
CA VAL C 12 14.23 35.38 -35.16
C VAL C 12 12.97 34.53 -35.24
N THR C 13 12.73 33.67 -34.25
CA THR C 13 11.52 32.86 -34.28
C THR C 13 10.30 33.70 -33.85
N GLY C 14 9.19 33.54 -34.56
CA GLY C 14 8.04 34.43 -34.39
C GLY C 14 8.42 35.87 -34.68
N GLY C 15 9.32 36.06 -35.63
CA GLY C 15 9.96 37.34 -35.87
C GLY C 15 9.21 38.40 -36.66
N ALA C 16 7.91 38.21 -36.86
CA ALA C 16 7.14 39.19 -37.62
C ALA C 16 5.92 39.73 -36.89
N SER C 17 5.85 39.48 -35.58
CA SER C 17 4.74 39.95 -34.76
C SER C 17 5.30 40.42 -33.42
N GLY C 18 4.64 41.40 -32.82
CA GLY C 18 4.96 41.83 -31.46
C GLY C 18 6.44 42.07 -31.21
N ILE C 19 6.94 41.46 -30.14
CA ILE C 19 8.34 41.60 -29.75
C ILE C 19 9.30 41.12 -30.84
N GLY C 20 9.05 39.93 -31.38
CA GLY C 20 9.88 39.39 -32.45
C GLY C 20 9.96 40.29 -33.67
N GLY C 21 8.84 40.89 -34.04
CA GLY C 21 8.80 41.81 -35.18
C GLY C 21 9.66 43.02 -34.92
N ALA C 22 9.58 43.54 -33.69
CA ALA C 22 10.38 44.69 -33.31
C ALA C 22 11.87 44.34 -33.32
N ILE C 23 12.19 43.12 -32.91
CA ILE C 23 13.57 42.65 -32.95
C ILE C 23 14.07 42.56 -34.40
N SER C 24 13.28 41.96 -35.28
CA SER C 24 13.66 41.91 -36.70
C SER C 24 13.85 43.30 -37.30
N MET C 25 12.95 44.21 -36.96
CA MET C 25 13.01 45.55 -37.53
C MET C 25 14.26 46.30 -37.05
N ARG C 26 14.58 46.15 -35.77
CA ARG C 26 15.79 46.79 -35.24
C ARG C 26 17.04 46.16 -35.85
N LEU C 27 17.03 44.84 -36.01
CA LEU C 27 18.16 44.19 -36.67
C LEU C 27 18.38 44.74 -38.08
N ALA C 28 17.29 44.87 -38.84
CA ALA C 28 17.36 45.44 -40.18
C ALA C 28 17.87 46.88 -40.16
N GLU C 29 17.44 47.65 -39.17
CA GLU C 29 17.90 49.03 -39.04
C GLU C 29 19.41 49.09 -38.81
N GLU C 30 19.94 48.08 -38.12
CA GLU C 30 21.36 48.02 -37.81
C GLU C 30 22.15 47.32 -38.93
N ARG C 31 21.47 47.07 -40.05
CA ARG C 31 22.07 46.43 -41.23
C ARG C 31 22.34 44.94 -41.06
N ALA C 32 21.84 44.34 -39.98
CA ALA C 32 21.93 42.89 -39.85
C ALA C 32 20.94 42.25 -40.80
N ILE C 33 20.99 40.94 -40.95
CA ILE C 33 20.04 40.26 -41.83
C ILE C 33 19.13 39.37 -41.00
N PRO C 34 17.93 39.86 -40.69
CA PRO C 34 17.02 39.01 -39.92
C PRO C 34 16.38 37.98 -40.83
N VAL C 35 16.25 36.77 -40.29
CA VAL C 35 15.61 35.66 -40.97
C VAL C 35 14.42 35.24 -40.11
N VAL C 36 13.21 35.56 -40.56
CA VAL C 36 12.02 35.28 -39.75
C VAL C 36 11.57 33.83 -39.92
N PHE C 37 11.54 33.09 -38.82
CA PHE C 37 10.93 31.75 -38.80
C PHE C 37 9.55 31.91 -38.15
N ALA C 38 8.49 31.69 -38.90
CA ALA C 38 7.14 31.79 -38.34
C ALA C 38 6.18 30.96 -39.15
N ARG C 39 5.05 30.59 -38.56
CA ARG C 39 4.16 29.66 -39.25
C ARG C 39 3.19 30.34 -40.19
N HIS C 40 2.91 31.62 -39.93
CA HIS C 40 2.01 32.39 -40.79
C HIS C 40 2.76 33.50 -41.50
N ALA C 41 2.29 33.82 -42.70
CA ALA C 41 2.91 34.86 -43.53
C ALA C 41 2.90 36.19 -42.80
N PRO C 42 4.05 36.85 -42.78
CA PRO C 42 4.15 38.19 -42.19
C PRO C 42 3.28 39.18 -42.98
N ASP C 43 2.87 40.24 -42.29
CA ASP C 43 2.09 41.30 -42.93
C ASP C 43 2.89 41.94 -44.06
N GLY C 44 2.23 42.26 -45.17
CA GLY C 44 2.92 42.87 -46.30
C GLY C 44 3.67 44.16 -45.98
N ALA C 45 3.05 45.02 -45.18
CA ALA C 45 3.68 46.29 -44.83
C ALA C 45 4.93 46.09 -43.95
N PHE C 46 4.87 45.09 -43.07
CA PHE C 46 6.03 44.71 -42.27
C PHE C 46 7.19 44.28 -43.16
N LEU C 47 6.92 43.38 -44.09
CA LEU C 47 7.96 42.89 -44.98
C LEU C 47 8.51 44.01 -45.85
N ASP C 48 7.62 44.92 -46.28
CA ASP C 48 8.07 46.05 -47.08
C ASP C 48 9.05 46.92 -46.29
N ALA C 49 8.68 47.24 -45.06
CA ALA C 49 9.52 48.03 -44.17
C ALA C 49 10.85 47.34 -43.88
N LEU C 50 10.78 46.03 -43.65
CA LEU C 50 11.97 45.25 -43.37
C LEU C 50 12.92 45.30 -44.58
N ALA C 51 12.37 45.08 -45.76
CA ALA C 51 13.17 45.03 -46.98
C ALA C 51 13.78 46.39 -47.35
N GLN C 52 13.10 47.48 -47.02
CA GLN C 52 13.64 48.82 -47.24
C GLN C 52 14.89 49.06 -46.40
N ARG C 53 14.91 48.51 -45.20
CA ARG C 53 16.06 48.65 -44.31
C ARG C 53 17.16 47.65 -44.67
N GLN C 54 16.76 46.42 -44.97
CA GLN C 54 17.70 45.36 -45.31
C GLN C 54 17.08 44.46 -46.38
N PRO C 55 17.41 44.70 -47.66
CA PRO C 55 16.72 43.96 -48.72
C PRO C 55 16.95 42.46 -48.73
N ARG C 56 17.94 42.00 -47.98
N ARG C 56 17.92 41.99 -47.97
CA ARG C 56 18.21 40.57 -47.91
CA ARG C 56 18.18 40.56 -47.92
C ARG C 56 17.44 39.88 -46.79
C ARG C 56 17.43 39.87 -46.79
N ALA C 57 16.67 40.64 -46.01
CA ALA C 57 15.84 40.08 -44.96
C ALA C 57 14.89 39.07 -45.58
N THR C 58 14.63 37.97 -44.87
CA THR C 58 13.75 36.97 -45.45
C THR C 58 12.85 36.29 -44.42
N TYR C 59 11.94 35.49 -44.94
CA TYR C 59 10.95 34.77 -44.14
C TYR C 59 10.93 33.32 -44.60
N LEU C 60 10.96 32.41 -43.64
CA LEU C 60 10.78 30.99 -43.93
C LEU C 60 9.57 30.49 -43.15
N PRO C 61 8.61 29.86 -43.83
CA PRO C 61 7.47 29.27 -43.13
C PRO C 61 7.92 28.06 -42.33
N VAL C 62 7.72 28.15 -41.01
CA VAL C 62 8.10 27.11 -40.09
C VAL C 62 7.07 26.97 -38.99
N GLU C 63 6.57 25.74 -38.79
CA GLU C 63 5.87 25.39 -37.56
C GLU C 63 6.94 24.86 -36.61
N LEU C 64 7.24 25.64 -35.59
CA LEU C 64 8.39 25.35 -34.72
C LEU C 64 8.26 24.06 -33.91
N GLN C 65 7.03 23.57 -33.73
CA GLN C 65 6.81 22.31 -33.01
C GLN C 65 7.14 21.10 -33.87
N ASP C 66 7.39 21.31 -35.16
CA ASP C 66 7.80 20.22 -36.04
C ASP C 66 9.33 20.23 -36.13
N ASP C 67 9.97 19.23 -35.52
CA ASP C 67 11.42 19.20 -35.44
C ASP C 67 12.08 19.23 -36.82
N ALA C 68 11.52 18.48 -37.76
CA ALA C 68 12.07 18.39 -39.11
C ALA C 68 11.99 19.74 -39.83
N GLN C 69 10.94 20.51 -39.54
CA GLN C 69 10.83 21.84 -40.12
C GLN C 69 11.91 22.78 -39.58
N CYS C 70 12.20 22.71 -38.29
CA CYS C 70 13.28 23.49 -37.70
C CYS C 70 14.59 23.09 -38.35
N ARG C 71 14.82 21.80 -38.44
CA ARG C 71 16.04 21.27 -39.04
C ARG C 71 16.22 21.79 -40.46
N ASP C 72 15.18 21.66 -41.28
CA ASP C 72 15.29 22.01 -42.69
C ASP C 72 15.39 23.53 -42.90
N ALA C 73 14.75 24.31 -42.04
CA ALA C 73 14.80 25.76 -42.19
C ALA C 73 16.17 26.31 -41.80
N VAL C 74 16.79 25.73 -40.76
CA VAL C 74 18.15 26.11 -40.42
C VAL C 74 19.08 25.74 -41.59
N ALA C 75 18.92 24.53 -42.14
CA ALA C 75 19.75 24.09 -43.26
C ALA C 75 19.59 25.04 -44.45
N GLN C 76 18.37 25.46 -44.70
CA GLN C 76 18.09 26.36 -45.82
C GLN C 76 18.70 27.74 -45.60
N THR C 77 18.70 28.20 -44.36
CA THR C 77 19.26 29.50 -44.02
C THR C 77 20.76 29.45 -44.26
N ILE C 78 21.38 28.34 -43.87
CA ILE C 78 22.80 28.19 -44.12
C ILE C 78 23.10 28.08 -45.62
N ALA C 79 22.26 27.35 -46.35
CA ALA C 79 22.43 27.26 -47.81
C ALA C 79 22.36 28.62 -48.49
N THR C 80 21.48 29.49 -47.98
CA THR C 80 21.25 30.81 -48.55
C THR C 80 22.36 31.81 -48.20
N PHE C 81 22.75 31.83 -46.93
CA PHE C 81 23.64 32.88 -46.44
C PHE C 81 25.05 32.41 -46.13
N GLY C 82 25.23 31.11 -45.99
CA GLY C 82 26.55 30.54 -45.74
C GLY C 82 27.03 30.64 -44.29
N ARG C 83 26.21 31.25 -43.44
CA ARG C 83 26.62 31.50 -42.06
C ARG C 83 25.40 31.80 -41.20
N LEU C 84 25.56 31.67 -39.89
CA LEU C 84 24.55 32.11 -38.94
C LEU C 84 25.25 32.79 -37.78
N ASP C 85 24.83 34.02 -37.47
CA ASP C 85 25.49 34.81 -36.44
C ASP C 85 24.69 34.94 -35.17
N GLY C 86 23.40 34.71 -35.25
CA GLY C 86 22.57 34.85 -34.08
C GLY C 86 21.29 34.05 -34.16
N LEU C 87 20.77 33.71 -32.99
CA LEU C 87 19.47 33.06 -32.85
C LEU C 87 18.70 33.79 -31.77
N VAL C 88 17.50 34.25 -32.11
CA VAL C 88 16.58 34.79 -31.13
C VAL C 88 15.40 33.83 -31.01
N ASN C 89 15.36 33.11 -29.89
CA ASN C 89 14.24 32.23 -29.56
C ASN C 89 13.18 33.14 -28.96
N ASN C 90 12.07 33.33 -29.66
CA ASN C 90 11.06 34.30 -29.25
C ASN C 90 9.62 33.80 -29.31
N ALA C 91 9.30 32.89 -30.23
CA ALA C 91 7.92 32.45 -30.37
C ALA C 91 7.42 31.85 -29.05
N GLY C 92 6.21 32.24 -28.64
CA GLY C 92 5.64 31.70 -27.43
C GLY C 92 4.19 32.09 -27.30
N VAL C 93 3.50 31.43 -26.39
CA VAL C 93 2.10 31.74 -26.11
C VAL C 93 1.73 31.43 -24.66
N ASN C 94 1.19 32.42 -23.97
CA ASN C 94 0.70 32.19 -22.61
C ASN C 94 -0.67 31.52 -22.71
N ASP C 95 -0.66 30.20 -22.58
CA ASP C 95 -1.81 29.38 -22.95
C ASP C 95 -2.72 28.95 -21.81
N GLY C 96 -2.49 29.48 -20.61
CA GLY C 96 -3.42 29.27 -19.50
C GLY C 96 -3.67 27.82 -19.12
N ILE C 97 -2.61 27.01 -19.11
CA ILE C 97 -2.69 25.62 -18.70
C ILE C 97 -2.34 25.49 -17.22
N GLY C 98 -3.35 25.40 -16.37
CA GLY C 98 -3.14 25.44 -14.93
C GLY C 98 -3.01 24.09 -14.27
N LEU C 99 -3.07 24.09 -12.95
CA LEU C 99 -2.93 22.88 -12.15
C LEU C 99 -3.99 21.82 -12.43
N ASP C 100 -5.17 22.27 -12.87
N ASP C 100 -5.17 22.24 -12.86
CA ASP C 100 -6.30 21.38 -13.08
CA ASP C 100 -6.26 21.29 -13.06
C ASP C 100 -6.32 20.73 -14.46
C ASP C 100 -6.33 20.72 -14.47
N ALA C 101 -5.42 21.18 -15.33
CA ALA C 101 -5.49 20.83 -16.76
C ALA C 101 -5.11 19.37 -17.08
N GLY C 102 -4.13 18.85 -16.36
CA GLY C 102 -3.68 17.49 -16.59
C GLY C 102 -2.42 17.40 -17.44
N ARG C 103 -1.80 16.22 -17.40
CA ARG C 103 -0.56 15.92 -18.11
C ARG C 103 -0.51 16.30 -19.58
N ASP C 104 -1.51 15.87 -20.33
CA ASP C 104 -1.49 16.06 -21.78
C ASP C 104 -1.45 17.55 -22.13
N ALA C 105 -2.26 18.33 -21.42
CA ALA C 105 -2.31 19.77 -21.69
C ALA C 105 -1.00 20.46 -21.30
N PHE C 106 -0.41 20.01 -20.19
CA PHE C 106 0.83 20.57 -19.69
C PHE C 106 1.97 20.31 -20.69
N VAL C 107 2.07 19.07 -21.16
CA VAL C 107 3.09 18.74 -22.16
C VAL C 107 2.86 19.50 -23.48
N ALA C 108 1.60 19.70 -23.85
CA ALA C 108 1.32 20.48 -25.06
C ALA C 108 1.83 21.92 -24.90
N SER C 109 1.71 22.48 -23.71
CA SER C 109 2.20 23.83 -23.44
C SER C 109 3.73 23.86 -23.54
N LEU C 110 4.38 22.82 -23.02
CA LEU C 110 5.82 22.68 -23.19
C LEU C 110 6.22 22.65 -24.66
N GLU C 111 5.44 21.94 -25.47
CA GLU C 111 5.70 21.89 -26.92
C GLU C 111 5.55 23.25 -27.57
N ARG C 112 4.52 24.00 -27.15
CA ARG C 112 4.24 25.31 -27.73
C ARG C 112 5.27 26.36 -27.34
N ASN C 113 6.03 26.10 -26.28
CA ASN C 113 6.90 27.12 -25.69
C ASN C 113 8.36 26.68 -25.51
N LEU C 114 8.58 25.72 -24.63
CA LEU C 114 9.93 25.31 -24.27
C LEU C 114 10.66 24.54 -25.35
N ILE C 115 10.02 23.51 -25.88
CA ILE C 115 10.75 22.49 -26.60
C ILE C 115 11.37 23.03 -27.89
N HIS C 116 10.71 23.97 -28.56
CA HIS C 116 11.31 24.53 -29.77
C HIS C 116 12.49 25.48 -29.49
N TYR C 117 12.56 26.06 -28.29
CA TYR C 117 13.77 26.82 -27.96
C TYR C 117 14.96 25.87 -27.95
N TYR C 118 14.78 24.70 -27.33
CA TYR C 118 15.84 23.67 -27.39
C TYR C 118 16.13 23.22 -28.82
N ALA C 119 15.09 22.88 -29.57
CA ALA C 119 15.28 22.37 -30.93
C ALA C 119 16.04 23.36 -31.78
N MET C 120 15.67 24.63 -31.68
CA MET C 120 16.33 25.66 -32.46
C MET C 120 17.81 25.80 -32.06
N ALA C 121 18.10 25.82 -30.76
CA ALA C 121 19.50 25.86 -30.34
C ALA C 121 20.27 24.65 -30.83
N HIS C 122 19.66 23.47 -30.69
CA HIS C 122 20.26 22.23 -31.15
C HIS C 122 20.72 22.34 -32.60
N TYR C 123 19.86 22.88 -33.46
CA TYR C 123 20.21 22.96 -34.88
C TYR C 123 21.09 24.13 -35.23
N CYS C 124 21.04 25.20 -34.43
CA CYS C 124 21.78 26.42 -34.74
C CYS C 124 23.18 26.43 -34.18
N VAL C 125 23.38 25.79 -33.03
CA VAL C 125 24.68 25.85 -32.35
C VAL C 125 25.92 25.49 -33.19
N PRO C 126 25.84 24.43 -34.04
CA PRO C 126 27.05 24.17 -34.85
C PRO C 126 27.44 25.38 -35.69
N HIS C 127 26.45 26.13 -36.14
CA HIS C 127 26.72 27.25 -37.03
C HIS C 127 27.16 28.48 -36.24
N LEU C 128 26.56 28.68 -35.07
CA LEU C 128 26.94 29.78 -34.19
C LEU C 128 28.37 29.62 -33.68
N LYS C 129 28.79 28.38 -33.45
CA LYS C 129 30.19 28.14 -33.08
C LYS C 129 31.16 28.68 -34.13
N ALA C 130 30.81 28.49 -35.39
CA ALA C 130 31.69 28.86 -36.49
C ALA C 130 31.87 30.37 -36.62
N THR C 131 30.90 31.13 -36.13
CA THR C 131 30.94 32.59 -36.25
C THR C 131 31.13 33.29 -34.91
N ARG C 132 31.35 32.52 -33.85
CA ARG C 132 31.35 33.06 -32.47
C ARG C 132 30.10 33.93 -32.26
N GLY C 133 28.96 33.36 -32.62
CA GLY C 133 27.69 34.08 -32.60
C GLY C 133 27.06 34.15 -31.23
N ALA C 134 25.76 34.47 -31.20
CA ALA C 134 25.09 34.71 -29.93
C ALA C 134 23.64 34.25 -29.97
N ILE C 135 23.12 33.93 -28.78
CA ILE C 135 21.73 33.54 -28.63
C ILE C 135 21.05 34.49 -27.66
N VAL C 136 19.83 34.89 -28.00
CA VAL C 136 18.96 35.54 -27.02
C VAL C 136 17.66 34.76 -26.89
N ASN C 137 17.32 34.37 -25.67
CA ASN C 137 16.05 33.73 -25.36
C ASN C 137 15.07 34.71 -24.72
N ILE C 138 13.88 34.85 -25.30
CA ILE C 138 12.86 35.70 -24.69
C ILE C 138 12.03 34.88 -23.71
N SER C 139 12.12 35.21 -22.43
CA SER C 139 11.38 34.49 -21.39
C SER C 139 10.18 35.36 -20.98
N SER C 140 9.83 35.33 -19.70
CA SER C 140 8.69 36.11 -19.18
C SER C 140 8.86 36.29 -17.69
N LYS C 141 8.43 37.43 -17.16
CA LYS C 141 8.54 37.62 -15.72
C LYS C 141 7.79 36.56 -14.93
N THR C 142 6.82 35.89 -15.56
CA THR C 142 6.07 34.84 -14.88
C THR C 142 6.98 33.69 -14.44
N ALA C 143 8.13 33.54 -15.08
CA ALA C 143 9.11 32.55 -14.67
C ALA C 143 9.56 32.77 -13.21
N VAL C 144 9.55 34.02 -12.77
CA VAL C 144 9.98 34.31 -11.41
C VAL C 144 8.86 34.81 -10.51
N THR C 145 7.79 35.34 -11.09
CA THR C 145 6.70 35.91 -10.29
C THR C 145 5.48 34.99 -10.16
N GLY C 146 5.38 34.02 -11.05
CA GLY C 146 4.12 33.29 -11.19
C GLY C 146 3.00 34.18 -11.74
N GLN C 147 1.82 33.61 -11.90
CA GLN C 147 0.68 34.37 -12.40
C GLN C 147 -0.64 33.74 -11.96
N GLY C 148 -0.67 32.41 -11.89
CA GLY C 148 -1.89 31.67 -11.64
C GLY C 148 -2.45 31.11 -12.94
N ASN C 149 -2.94 29.87 -12.89
CA ASN C 149 -3.57 29.20 -14.03
C ASN C 149 -2.71 29.07 -15.27
N THR C 150 -1.39 29.01 -15.10
CA THR C 150 -0.52 28.94 -16.27
C THR C 150 0.80 28.18 -15.99
N SER C 151 0.67 27.03 -15.34
CA SER C 151 1.78 26.11 -15.10
C SER C 151 2.59 25.78 -16.34
N GLY C 152 1.92 25.45 -17.44
CA GLY C 152 2.62 25.07 -18.66
C GLY C 152 3.57 26.16 -19.15
N TYR C 153 3.05 27.38 -19.23
CA TYR C 153 3.83 28.52 -19.70
C TYR C 153 4.91 28.91 -18.70
N CYS C 154 4.54 28.98 -17.42
N CYS C 154 4.53 28.96 -17.43
CA CYS C 154 5.51 29.32 -16.37
CA CYS C 154 5.46 29.32 -16.40
C CYS C 154 6.68 28.34 -16.38
C CYS C 154 6.65 28.35 -16.35
N ALA C 155 6.36 27.05 -16.41
CA ALA C 155 7.39 26.03 -16.45
C ALA C 155 8.30 26.25 -17.64
N SER C 156 7.70 26.49 -18.81
CA SER C 156 8.47 26.71 -20.02
C SER C 156 9.39 27.92 -19.88
N LYS C 157 8.84 29.01 -19.35
CA LYS C 157 9.58 30.26 -19.26
C LYS C 157 10.72 30.15 -18.26
N GLY C 158 10.49 29.42 -17.17
CA GLY C 158 11.56 29.16 -16.22
C GLY C 158 12.62 28.25 -16.79
N ALA C 159 12.20 27.22 -17.51
CA ALA C 159 13.18 26.36 -18.18
C ALA C 159 14.04 27.15 -19.16
N GLN C 160 13.47 28.16 -19.81
CA GLN C 160 14.23 28.98 -20.74
C GLN C 160 15.31 29.81 -20.05
N LEU C 161 15.04 30.24 -18.82
CA LEU C 161 16.03 30.95 -18.02
C LEU C 161 17.16 30.01 -17.61
N ALA C 162 16.81 28.80 -17.16
CA ALA C 162 17.83 27.82 -16.80
C ALA C 162 18.68 27.45 -18.02
N LEU C 163 18.02 27.28 -19.16
CA LEU C 163 18.74 26.93 -20.38
C LEU C 163 19.71 28.04 -20.81
N THR C 164 19.37 29.28 -20.49
CA THR C 164 20.25 30.40 -20.78
C THR C 164 21.57 30.26 -20.01
N ARG C 165 21.48 29.92 -18.72
CA ARG C 165 22.68 29.68 -17.92
C ARG C 165 23.44 28.46 -18.40
N GLU C 166 22.70 27.38 -18.67
CA GLU C 166 23.31 26.13 -19.13
C GLU C 166 24.05 26.26 -20.47
N TRP C 167 23.40 26.89 -21.45
CA TRP C 167 24.03 27.08 -22.75
C TRP C 167 25.21 28.04 -22.67
N ALA C 168 25.11 29.05 -21.81
CA ALA C 168 26.23 29.96 -21.59
C ALA C 168 27.44 29.18 -21.10
N VAL C 169 27.21 28.25 -20.18
CA VAL C 169 28.30 27.38 -19.73
C VAL C 169 28.80 26.47 -20.86
N ALA C 170 27.87 25.81 -21.54
CA ALA C 170 28.24 24.82 -22.55
C ALA C 170 29.04 25.41 -23.70
N LEU C 171 28.73 26.65 -24.06
CA LEU C 171 29.27 27.25 -25.27
C LEU C 171 30.41 28.24 -25.04
N ARG C 172 30.79 28.46 -23.79
CA ARG C 172 31.77 29.49 -23.44
C ARG C 172 33.10 29.37 -24.19
N GLU C 173 33.57 28.14 -24.40
CA GLU C 173 34.90 27.98 -24.99
C GLU C 173 34.88 28.26 -26.49
N HIS C 174 33.68 28.35 -27.05
CA HIS C 174 33.50 28.68 -28.45
C HIS C 174 33.18 30.16 -28.62
N GLY C 175 33.17 30.90 -27.53
CA GLY C 175 32.90 32.32 -27.59
C GLY C 175 31.47 32.69 -27.94
N VAL C 176 30.55 31.72 -27.83
CA VAL C 176 29.15 31.97 -28.12
C VAL C 176 28.45 32.42 -26.84
N ARG C 177 27.93 33.65 -26.84
CA ARG C 177 27.26 34.21 -25.67
C ARG C 177 25.77 33.85 -25.71
N VAL C 178 25.18 33.62 -24.55
CA VAL C 178 23.77 33.27 -24.47
C VAL C 178 23.14 34.08 -23.36
N ASN C 179 22.11 34.84 -23.68
CA ASN C 179 21.47 35.68 -22.68
C ASN C 179 19.96 35.64 -22.85
N ALA C 180 19.23 36.16 -21.86
CA ALA C 180 17.78 36.15 -21.93
C ALA C 180 17.24 37.55 -21.67
N VAL C 181 16.08 37.85 -22.26
CA VAL C 181 15.36 39.08 -21.93
C VAL C 181 14.03 38.70 -21.30
N ILE C 182 13.71 39.36 -20.20
CA ILE C 182 12.49 39.08 -19.44
C ILE C 182 11.55 40.29 -19.48
N PRO C 183 10.53 40.24 -20.35
CA PRO C 183 9.49 41.27 -20.35
C PRO C 183 8.42 40.94 -19.30
N ALA C 184 7.61 41.92 -18.93
CA ALA C 184 6.47 41.69 -18.06
C ALA C 184 5.19 41.94 -18.83
N GLU C 185 4.90 43.20 -19.13
CA GLU C 185 3.68 43.54 -19.87
C GLU C 185 4.04 44.33 -21.13
N VAL C 186 3.74 43.76 -22.29
CA VAL C 186 4.03 44.40 -23.57
C VAL C 186 2.82 44.28 -24.49
N MET C 187 2.34 45.38 -25.06
CA MET C 187 1.15 45.27 -25.92
C MET C 187 1.53 44.68 -27.27
N THR C 188 1.00 43.49 -27.56
CA THR C 188 1.28 42.75 -28.78
C THR C 188 0.02 42.00 -29.17
N PRO C 189 -0.01 41.39 -30.37
CA PRO C 189 -1.16 40.54 -30.70
C PRO C 189 -1.44 39.45 -29.65
N LEU C 190 -0.40 38.87 -29.06
CA LEU C 190 -0.60 37.89 -28.00
C LEU C 190 -1.31 38.51 -26.79
N TYR C 191 -0.87 39.70 -26.38
CA TYR C 191 -1.51 40.35 -25.24
C TYR C 191 -2.98 40.64 -25.53
N ARG C 192 -3.28 41.12 -26.74
CA ARG C 192 -4.67 41.36 -27.13
C ARG C 192 -5.49 40.09 -27.02
N ASN C 193 -4.95 38.97 -27.51
CA ASN C 193 -5.68 37.71 -27.49
C ASN C 193 -5.82 37.17 -26.07
N TRP C 194 -4.76 37.33 -25.26
CA TRP C 194 -4.80 36.92 -23.87
C TRP C 194 -5.80 37.71 -23.04
N ILE C 195 -5.75 39.04 -23.13
CA ILE C 195 -6.63 39.90 -22.33
C ILE C 195 -8.11 39.73 -22.73
N ALA C 196 -8.35 39.29 -23.97
CA ALA C 196 -9.69 39.06 -24.46
C ALA C 196 -10.37 37.86 -23.79
N THR C 197 -9.60 37.06 -23.06
CA THR C 197 -10.20 35.92 -22.36
C THR C 197 -10.82 36.32 -21.02
N PHE C 198 -10.58 37.56 -20.60
CA PHE C 198 -11.13 38.09 -19.34
C PHE C 198 -12.51 38.71 -19.53
N GLU C 199 -13.29 38.74 -18.44
CA GLU C 199 -14.67 39.20 -18.50
C GLU C 199 -14.79 40.67 -18.90
N ASP C 200 -13.90 41.51 -18.39
CA ASP C 200 -13.87 42.92 -18.78
C ASP C 200 -12.45 43.25 -19.23
N PRO C 201 -12.17 43.08 -20.53
CA PRO C 201 -10.80 43.21 -21.04
C PRO C 201 -10.27 44.64 -20.93
N GLU C 202 -11.08 45.63 -21.31
CA GLU C 202 -10.63 47.02 -21.25
C GLU C 202 -10.26 47.43 -19.82
N ALA C 203 -11.10 47.06 -18.86
CA ALA C 203 -10.86 47.41 -17.46
C ALA C 203 -9.69 46.63 -16.87
N LYS C 204 -9.58 45.35 -17.23
CA LYS C 204 -8.48 44.50 -16.78
C LYS C 204 -7.16 45.09 -17.25
N LEU C 205 -7.14 45.52 -18.50
CA LEU C 205 -5.98 46.13 -19.10
C LEU C 205 -5.52 47.37 -18.33
N ALA C 206 -6.48 48.25 -18.01
CA ALA C 206 -6.17 49.50 -17.32
C ALA C 206 -5.66 49.22 -15.92
N GLU C 207 -6.27 48.22 -15.30
CA GLU C 207 -5.92 47.76 -13.97
C GLU C 207 -4.48 47.24 -13.92
N ILE C 208 -4.10 46.47 -14.94
CA ILE C 208 -2.73 45.98 -15.03
C ILE C 208 -1.75 47.14 -15.31
N ALA C 209 -2.08 48.00 -16.27
CA ALA C 209 -1.20 49.11 -16.59
C ALA C 209 -0.91 50.02 -15.40
N ALA C 210 -1.91 50.21 -14.54
CA ALA C 210 -1.74 51.07 -13.36
C ALA C 210 -0.72 50.51 -12.37
N LYS C 211 -0.43 49.21 -12.48
CA LYS C 211 0.53 48.57 -11.58
C LYS C 211 1.97 48.53 -12.10
N VAL C 212 2.21 49.06 -13.30
CA VAL C 212 3.59 49.13 -13.79
C VAL C 212 4.27 50.35 -13.18
N PRO C 213 5.35 50.16 -12.41
CA PRO C 213 5.88 51.30 -11.65
C PRO C 213 6.32 52.50 -12.50
N LEU C 214 7.05 52.26 -13.58
CA LEU C 214 7.58 53.36 -14.36
C LEU C 214 6.56 53.81 -15.39
N GLY C 215 5.86 54.90 -15.09
CA GLY C 215 4.92 55.49 -16.02
C GLY C 215 3.53 54.89 -16.10
N ARG C 216 3.25 53.83 -15.33
CA ARG C 216 1.94 53.21 -15.32
C ARG C 216 1.46 52.89 -16.74
N ARG C 217 2.38 52.30 -17.51
CA ARG C 217 2.12 51.98 -18.90
C ARG C 217 2.86 50.71 -19.24
N PHE C 218 2.37 50.00 -20.25
CA PHE C 218 3.07 48.83 -20.74
C PHE C 218 4.41 49.17 -21.41
N THR C 219 5.33 48.22 -21.33
CA THR C 219 6.58 48.29 -22.09
C THR C 219 6.25 48.16 -23.58
N THR C 220 7.05 48.80 -24.44
CA THR C 220 6.80 48.66 -25.88
C THR C 220 7.64 47.54 -26.48
N PRO C 221 7.17 46.97 -27.61
CA PRO C 221 7.98 45.99 -28.32
C PRO C 221 9.36 46.55 -28.65
N ASP C 222 9.45 47.84 -29.00
CA ASP C 222 10.75 48.43 -29.33
C ASP C 222 11.71 48.45 -28.12
N GLU C 223 11.16 48.67 -26.94
CA GLU C 223 11.96 48.63 -25.71
C GLU C 223 12.54 47.23 -25.48
N ILE C 224 11.74 46.19 -25.67
CA ILE C 224 12.28 44.85 -25.54
C ILE C 224 13.34 44.61 -26.61
N ALA C 225 13.03 45.02 -27.84
CA ALA C 225 13.90 44.80 -28.98
C ALA C 225 15.27 45.43 -28.81
N ASP C 226 15.32 46.64 -28.27
CA ASP C 226 16.62 47.32 -28.24
C ASP C 226 17.58 46.66 -27.26
N THR C 227 17.05 46.12 -26.15
CA THR C 227 17.90 45.37 -25.24
C THR C 227 18.32 44.04 -25.87
N ALA C 228 17.39 43.36 -26.53
CA ALA C 228 17.70 42.08 -27.16
C ALA C 228 18.78 42.23 -28.22
N VAL C 229 18.68 43.27 -29.04
CA VAL C 229 19.67 43.48 -30.09
C VAL C 229 21.03 43.92 -29.52
N PHE C 230 21.02 44.76 -28.49
CA PHE C 230 22.26 45.07 -27.78
C PHE C 230 22.94 43.76 -27.35
N LEU C 231 22.17 42.84 -26.78
CA LEU C 231 22.74 41.57 -26.30
C LEU C 231 23.30 40.67 -27.41
N LEU C 232 22.79 40.83 -28.62
CA LEU C 232 23.30 40.08 -29.77
C LEU C 232 24.64 40.63 -30.25
N SER C 233 24.91 41.89 -29.91
CA SER C 233 26.02 42.63 -30.49
C SER C 233 27.30 42.49 -29.66
N PRO C 234 28.46 42.73 -30.30
CA PRO C 234 29.74 42.72 -29.58
C PRO C 234 29.88 43.87 -28.58
N ARG C 235 28.91 44.78 -28.52
CA ARG C 235 28.90 45.75 -27.43
C ARG C 235 28.63 45.07 -26.08
N ALA C 236 28.12 43.84 -26.13
CA ALA C 236 27.86 43.04 -24.94
C ALA C 236 28.81 41.85 -24.90
N SER C 237 30.05 42.08 -25.32
CA SER C 237 31.02 40.99 -25.52
C SER C 237 31.51 40.24 -24.29
N HIS C 238 31.24 40.77 -23.09
CA HIS C 238 31.48 39.96 -21.89
C HIS C 238 30.23 39.67 -21.09
N THR C 239 29.08 39.78 -21.73
CA THR C 239 27.83 39.44 -21.08
C THR C 239 27.36 38.09 -21.57
N THR C 240 27.34 37.11 -20.68
CA THR C 240 26.78 35.80 -21.04
C THR C 240 26.12 35.17 -19.83
N GLY C 241 25.04 34.45 -20.06
CA GLY C 241 24.31 33.78 -19.00
C GLY C 241 23.28 34.66 -18.30
N GLU C 242 23.16 35.90 -18.73
CA GLU C 242 22.41 36.89 -17.95
C GLU C 242 20.94 36.97 -18.33
N TRP C 243 20.12 37.40 -17.37
CA TRP C 243 18.69 37.59 -17.57
C TRP C 243 18.42 39.08 -17.39
N LEU C 244 18.10 39.76 -18.48
CA LEU C 244 17.86 41.20 -18.44
C LEU C 244 16.36 41.49 -18.37
N PHE C 245 15.95 42.13 -17.28
CA PHE C 245 14.55 42.47 -17.06
C PHE C 245 14.28 43.83 -17.68
N VAL C 246 13.35 43.87 -18.62
CA VAL C 246 12.95 45.11 -19.28
C VAL C 246 11.46 45.20 -19.06
N ASP C 247 11.08 45.83 -17.95
CA ASP C 247 9.72 45.68 -17.43
C ASP C 247 9.15 46.87 -16.66
N GLY C 248 9.82 48.02 -16.73
CA GLY C 248 9.34 49.20 -16.03
C GLY C 248 9.32 49.05 -14.51
N GLY C 249 10.09 48.11 -13.98
CA GLY C 249 10.15 47.90 -12.53
C GLY C 249 9.15 46.89 -12.01
N TYR C 250 8.43 46.23 -12.91
CA TYR C 250 7.35 45.33 -12.52
C TYR C 250 7.80 44.21 -11.56
N THR C 251 8.93 43.58 -11.88
CA THR C 251 9.34 42.39 -11.13
C THR C 251 9.95 42.75 -9.78
N HIS C 252 10.76 43.80 -9.75
CA HIS C 252 11.64 44.03 -8.60
C HIS C 252 11.24 45.15 -7.63
N LEU C 253 10.37 46.06 -8.04
CA LEU C 253 10.06 47.20 -7.16
C LEU C 253 8.84 46.92 -6.27
N ASP C 254 8.83 47.53 -5.09
CA ASP C 254 7.80 47.34 -4.07
C ASP C 254 6.39 47.18 -4.64
N ARG C 255 5.78 46.03 -4.39
CA ARG C 255 4.42 45.75 -4.87
C ARG C 255 3.41 46.78 -4.38
N ALA C 256 3.75 47.47 -3.29
CA ALA C 256 2.82 48.40 -2.63
C ALA C 256 2.75 49.77 -3.28
N LEU C 257 3.68 50.07 -4.18
CA LEU C 257 3.69 51.41 -4.76
C LEU C 257 2.46 51.60 -5.64
N VAL C 258 2.01 52.85 -5.74
CA VAL C 258 0.94 53.19 -6.66
C VAL C 258 1.52 54.09 -7.74
N MET D 1 -5.88 -13.83 22.86
CA MET D 1 -7.34 -13.95 22.81
C MET D 1 -7.93 -14.27 24.18
N ASP D 2 -8.63 -13.30 24.75
N ASP D 2 -8.62 -13.29 24.75
CA ASP D 2 -9.31 -13.49 26.04
CA ASP D 2 -9.31 -13.49 26.02
C ASP D 2 -10.42 -14.51 25.86
C ASP D 2 -10.42 -14.53 25.85
N LEU D 3 -10.43 -15.52 26.72
CA LEU D 3 -11.45 -16.56 26.65
C LEU D 3 -12.60 -16.31 27.63
N ASN D 4 -12.44 -15.30 28.48
CA ASN D 4 -13.45 -14.95 29.48
C ASN D 4 -13.86 -16.13 30.35
N LEU D 5 -12.86 -16.93 30.72
CA LEU D 5 -13.11 -18.10 31.57
C LEU D 5 -12.69 -17.91 33.02
N GLN D 6 -12.31 -16.69 33.39
CA GLN D 6 -11.86 -16.45 34.76
C GLN D 6 -12.95 -16.82 35.76
N ASP D 7 -12.55 -17.61 36.76
CA ASP D 7 -13.43 -18.02 37.86
C ASP D 7 -14.55 -18.97 37.47
N LYS D 8 -14.53 -19.43 36.22
CA LYS D 8 -15.50 -20.41 35.77
C LYS D 8 -15.10 -21.79 36.27
N VAL D 9 -16.07 -22.50 36.85
CA VAL D 9 -15.83 -23.80 37.49
C VAL D 9 -16.09 -24.92 36.48
N VAL D 10 -15.06 -25.71 36.21
CA VAL D 10 -15.15 -26.74 35.18
C VAL D 10 -14.69 -28.08 35.73
N ILE D 11 -15.59 -29.06 35.72
CA ILE D 11 -15.22 -30.42 36.10
C ILE D 11 -14.51 -31.09 34.93
N VAL D 12 -13.37 -31.72 35.21
CA VAL D 12 -12.64 -32.48 34.20
C VAL D 12 -12.45 -33.90 34.68
N THR D 13 -13.13 -34.85 34.07
CA THR D 13 -13.00 -36.23 34.53
C THR D 13 -11.70 -36.84 33.99
N GLY D 14 -10.99 -37.56 34.86
CA GLY D 14 -9.65 -38.01 34.53
C GLY D 14 -8.72 -36.84 34.26
N GLY D 15 -8.92 -35.75 35.02
CA GLY D 15 -8.28 -34.47 34.72
C GLY D 15 -6.88 -34.23 35.27
N ALA D 16 -6.19 -35.28 35.70
CA ALA D 16 -4.83 -35.13 36.24
C ALA D 16 -3.79 -36.00 35.53
N SER D 17 -4.14 -36.53 34.37
CA SER D 17 -3.24 -37.38 33.59
C SER D 17 -3.47 -37.10 32.11
N GLY D 18 -2.43 -37.23 31.29
CA GLY D 18 -2.57 -37.15 29.84
C GLY D 18 -3.36 -35.95 29.34
N ILE D 19 -4.32 -36.22 28.47
CA ILE D 19 -5.15 -35.17 27.87
C ILE D 19 -5.92 -34.35 28.91
N GLY D 20 -6.52 -35.05 29.88
CA GLY D 20 -7.29 -34.40 30.92
C GLY D 20 -6.43 -33.47 31.74
N GLY D 21 -5.21 -33.91 32.02
CA GLY D 21 -4.27 -33.11 32.79
C GLY D 21 -3.93 -31.83 32.06
N ALA D 22 -3.74 -31.93 30.74
CA ALA D 22 -3.42 -30.78 29.93
C ALA D 22 -4.61 -29.83 29.88
N ILE D 23 -5.82 -30.39 29.83
CA ILE D 23 -7.01 -29.57 29.86
C ILE D 23 -7.12 -28.79 31.19
N SER D 24 -6.89 -29.47 32.31
CA SER D 24 -6.93 -28.78 33.60
C SER D 24 -5.89 -27.66 33.67
N MET D 25 -4.69 -27.95 33.17
CA MET D 25 -3.60 -26.98 33.21
C MET D 25 -3.92 -25.74 32.37
N ARG D 26 -4.45 -25.94 31.18
CA ARG D 26 -4.84 -24.81 30.34
C ARG D 26 -5.99 -24.02 30.97
N LEU D 27 -6.97 -24.72 31.54
CA LEU D 27 -8.06 -24.03 32.25
C LEU D 27 -7.50 -23.15 33.35
N ALA D 28 -6.57 -23.68 34.14
CA ALA D 28 -5.94 -22.92 35.21
C ALA D 28 -5.18 -21.71 34.66
N GLU D 29 -4.50 -21.87 33.53
CA GLU D 29 -3.78 -20.77 32.91
C GLU D 29 -4.72 -19.63 32.52
N GLU D 30 -5.94 -20.00 32.13
CA GLU D 30 -6.95 -19.03 31.71
C GLU D 30 -7.76 -18.53 32.91
N ARG D 31 -7.32 -18.91 34.11
CA ARG D 31 -7.91 -18.46 35.37
C ARG D 31 -9.25 -19.12 35.68
N ALA D 32 -9.60 -20.15 34.93
CA ALA D 32 -10.74 -20.98 35.27
C ALA D 32 -10.38 -21.84 36.47
N ILE D 33 -11.39 -22.51 37.03
CA ILE D 33 -11.18 -23.35 38.19
C ILE D 33 -11.47 -24.80 37.81
N PRO D 34 -10.41 -25.55 37.47
CA PRO D 34 -10.63 -26.96 37.14
C PRO D 34 -10.86 -27.77 38.40
N VAL D 35 -11.87 -28.64 38.36
CA VAL D 35 -12.17 -29.56 39.44
C VAL D 35 -11.97 -30.95 38.87
N VAL D 36 -10.91 -31.61 39.29
CA VAL D 36 -10.56 -32.92 38.76
C VAL D 36 -11.39 -34.00 39.46
N PHE D 37 -12.12 -34.78 38.66
CA PHE D 37 -12.77 -36.00 39.15
C PHE D 37 -11.92 -37.18 38.65
N ALA D 38 -11.25 -37.86 39.57
CA ALA D 38 -10.48 -39.04 39.18
C ALA D 38 -10.37 -40.01 40.35
N ARG D 39 -10.01 -41.25 40.07
CA ARG D 39 -10.03 -42.24 41.13
C ARG D 39 -8.72 -42.30 41.92
N HIS D 40 -7.63 -41.87 41.32
CA HIS D 40 -6.33 -41.89 42.00
C HIS D 40 -5.83 -40.47 42.27
N ALA D 41 -5.12 -40.31 43.39
CA ALA D 41 -4.54 -39.02 43.74
C ALA D 41 -3.57 -38.55 42.67
N PRO D 42 -3.73 -37.30 42.23
CA PRO D 42 -2.81 -36.71 41.24
C PRO D 42 -1.38 -36.63 41.77
N ASP D 43 -0.43 -36.68 40.85
CA ASP D 43 0.99 -36.50 41.19
C ASP D 43 1.19 -35.14 41.83
N GLY D 44 2.05 -35.09 42.85
CA GLY D 44 2.33 -33.85 43.54
C GLY D 44 2.84 -32.72 42.65
N ALA D 45 3.74 -33.05 41.72
CA ALA D 45 4.29 -32.05 40.83
C ALA D 45 3.18 -31.42 39.99
N PHE D 46 2.20 -32.24 39.60
CA PHE D 46 1.04 -31.76 38.88
C PHE D 46 0.17 -30.83 39.72
N LEU D 47 -0.12 -31.24 40.96
CA LEU D 47 -0.91 -30.40 41.85
C LEU D 47 -0.22 -29.06 42.12
N ASP D 48 1.09 -29.10 42.32
CA ASP D 48 1.88 -27.88 42.53
C ASP D 48 1.78 -26.94 41.33
N ALA D 49 1.92 -27.50 40.13
CA ALA D 49 1.88 -26.69 38.91
C ALA D 49 0.49 -26.09 38.72
N LEU D 50 -0.53 -26.88 39.01
CA LEU D 50 -1.91 -26.43 38.90
C LEU D 50 -2.19 -25.31 39.91
N ALA D 51 -1.81 -25.52 41.16
CA ALA D 51 -2.02 -24.53 42.21
C ALA D 51 -1.29 -23.21 41.94
N GLN D 52 -0.14 -23.29 41.29
CA GLN D 52 0.62 -22.08 40.98
C GLN D 52 -0.15 -21.17 40.00
N ARG D 53 -0.94 -21.79 39.13
N ARG D 53 -0.95 -21.78 39.14
CA ARG D 53 -1.75 -21.05 38.16
CA ARG D 53 -1.74 -21.04 38.17
C ARG D 53 -3.11 -20.67 38.73
C ARG D 53 -3.11 -20.68 38.73
N GLN D 54 -3.71 -21.61 39.47
CA GLN D 54 -5.02 -21.43 40.03
C GLN D 54 -5.08 -22.11 41.39
N PRO D 55 -4.85 -21.34 42.46
CA PRO D 55 -4.80 -22.00 43.78
C PRO D 55 -6.13 -22.60 44.25
N ARG D 56 -7.22 -22.27 43.57
N ARG D 56 -7.21 -22.26 43.58
CA ARG D 56 -8.51 -22.82 43.94
CA ARG D 56 -8.52 -22.82 43.93
C ARG D 56 -8.80 -24.15 43.23
C ARG D 56 -8.80 -24.15 43.23
N ALA D 57 -7.93 -24.53 42.30
CA ALA D 57 -8.05 -25.83 41.62
C ALA D 57 -8.04 -26.93 42.66
N THR D 58 -8.79 -28.00 42.38
CA THR D 58 -8.86 -29.08 43.34
C THR D 58 -9.20 -30.41 42.68
N TYR D 59 -9.22 -31.43 43.52
CA TYR D 59 -9.39 -32.81 43.09
C TYR D 59 -10.37 -33.47 44.04
N LEU D 60 -11.32 -34.20 43.46
CA LEU D 60 -12.24 -35.03 44.25
C LEU D 60 -12.02 -36.48 43.84
N PRO D 61 -11.87 -37.37 44.83
CA PRO D 61 -11.74 -38.80 44.54
C PRO D 61 -13.07 -39.37 44.08
N VAL D 62 -13.10 -39.86 42.84
CA VAL D 62 -14.32 -40.39 42.26
C VAL D 62 -14.00 -41.60 41.39
N GLU D 63 -14.66 -42.72 41.66
CA GLU D 63 -14.71 -43.82 40.71
C GLU D 63 -15.94 -43.56 39.84
N LEU D 64 -15.72 -43.18 38.60
CA LEU D 64 -16.80 -42.69 37.75
C LEU D 64 -17.84 -43.76 37.40
N GLN D 65 -17.48 -45.03 37.56
CA GLN D 65 -18.42 -46.11 37.28
C GLN D 65 -19.45 -46.26 38.40
N ASP D 66 -19.23 -45.56 39.50
CA ASP D 66 -20.16 -45.59 40.62
C ASP D 66 -21.07 -44.35 40.51
N ASP D 67 -22.34 -44.59 40.18
CA ASP D 67 -23.28 -43.51 39.93
C ASP D 67 -23.45 -42.59 41.15
N ALA D 68 -23.49 -43.19 42.34
CA ALA D 68 -23.63 -42.42 43.56
C ALA D 68 -22.42 -41.51 43.80
N GLN D 69 -21.23 -41.98 43.42
CA GLN D 69 -20.03 -41.15 43.57
C GLN D 69 -20.03 -39.96 42.61
N CYS D 70 -20.52 -40.17 41.39
CA CYS D 70 -20.72 -39.08 40.46
C CYS D 70 -21.71 -38.06 41.04
N ARG D 71 -22.86 -38.56 41.47
CA ARG D 71 -23.90 -37.72 42.07
C ARG D 71 -23.36 -36.88 43.22
N ASP D 72 -22.71 -37.54 44.16
CA ASP D 72 -22.21 -36.87 45.36
C ASP D 72 -21.10 -35.89 45.05
N ALA D 73 -20.23 -36.23 44.10
CA ALA D 73 -19.13 -35.35 43.75
C ALA D 73 -19.62 -34.08 43.08
N VAL D 74 -20.61 -34.22 42.20
CA VAL D 74 -21.19 -33.03 41.55
C VAL D 74 -21.83 -32.16 42.61
N ALA D 75 -22.60 -32.77 43.51
CA ALA D 75 -23.21 -32.04 44.63
C ALA D 75 -22.16 -31.32 45.46
N GLN D 76 -21.05 -31.99 45.73
CA GLN D 76 -19.98 -31.41 46.55
C GLN D 76 -19.33 -30.22 45.83
N THR D 77 -19.22 -30.34 44.51
CA THR D 77 -18.63 -29.28 43.71
C THR D 77 -19.51 -28.04 43.75
N ILE D 78 -20.82 -28.24 43.59
CA ILE D 78 -21.78 -27.14 43.70
C ILE D 78 -21.74 -26.54 45.11
N ALA D 79 -21.65 -27.40 46.12
CA ALA D 79 -21.60 -26.92 47.51
C ALA D 79 -20.37 -26.05 47.76
N THR D 80 -19.25 -26.46 47.17
CA THR D 80 -17.95 -25.83 47.41
C THR D 80 -17.77 -24.53 46.63
N PHE D 81 -18.16 -24.55 45.35
CA PHE D 81 -17.88 -23.44 44.45
C PHE D 81 -19.11 -22.60 44.13
N GLY D 82 -20.29 -23.16 44.39
CA GLY D 82 -21.54 -22.44 44.22
C GLY D 82 -22.11 -22.41 42.81
N ARG D 83 -21.41 -23.02 41.87
CA ARG D 83 -21.79 -22.95 40.47
C ARG D 83 -21.01 -24.00 39.68
N LEU D 84 -21.51 -24.33 38.48
CA LEU D 84 -20.75 -25.14 37.53
C LEU D 84 -20.89 -24.51 36.14
N ASP D 85 -19.76 -24.24 35.49
CA ASP D 85 -19.74 -23.60 34.20
C ASP D 85 -19.36 -24.53 33.05
N GLY D 86 -18.74 -25.65 33.37
CA GLY D 86 -18.32 -26.55 32.31
C GLY D 86 -18.15 -27.97 32.80
N LEU D 87 -18.33 -28.92 31.89
CA LEU D 87 -18.02 -30.33 32.15
C LEU D 87 -17.18 -30.83 31.00
N VAL D 88 -16.02 -31.40 31.33
CA VAL D 88 -15.22 -32.09 30.31
C VAL D 88 -15.25 -33.57 30.63
N ASN D 89 -15.99 -34.33 29.82
CA ASN D 89 -16.00 -35.78 29.90
C ASN D 89 -14.76 -36.29 29.19
N ASN D 90 -13.84 -36.87 29.95
CA ASN D 90 -12.54 -37.23 29.37
C ASN D 90 -12.00 -38.60 29.79
N ALA D 91 -12.33 -39.07 30.99
CA ALA D 91 -11.81 -40.36 31.43
C ALA D 91 -12.16 -41.46 30.45
N GLY D 92 -11.20 -42.31 30.12
CA GLY D 92 -11.45 -43.38 29.19
C GLY D 92 -10.28 -44.36 29.15
N VAL D 93 -10.53 -45.52 28.56
CA VAL D 93 -9.48 -46.52 28.40
C VAL D 93 -9.79 -47.39 27.18
N ASN D 94 -8.81 -47.47 26.27
CA ASN D 94 -8.93 -48.35 25.11
C ASN D 94 -8.59 -49.75 25.58
N ASP D 95 -9.63 -50.53 25.89
CA ASP D 95 -9.44 -51.76 26.66
C ASP D 95 -9.40 -53.05 25.83
N GLY D 96 -9.40 -52.93 24.51
CA GLY D 96 -9.21 -54.07 23.63
C GLY D 96 -10.21 -55.21 23.78
N ILE D 97 -11.49 -54.84 23.93
CA ILE D 97 -12.57 -55.81 23.99
C ILE D 97 -13.11 -56.06 22.59
N GLY D 98 -12.68 -57.16 21.97
CA GLY D 98 -12.96 -57.40 20.56
C GLY D 98 -14.22 -58.23 20.33
N LEU D 99 -14.42 -58.63 19.09
CA LEU D 99 -15.57 -59.44 18.69
C LEU D 99 -15.67 -60.78 19.43
N ASP D 100 -14.54 -61.33 19.85
CA ASP D 100 -14.56 -62.64 20.50
C ASP D 100 -14.81 -62.58 22.00
N ALA D 101 -14.84 -61.37 22.55
CA ALA D 101 -14.82 -61.20 24.02
C ALA D 101 -16.11 -61.60 24.73
N GLY D 102 -17.25 -61.35 24.08
CA GLY D 102 -18.53 -61.71 24.66
C GLY D 102 -19.22 -60.57 25.40
N ARG D 103 -20.50 -60.77 25.73
CA ARG D 103 -21.35 -59.74 26.34
C ARG D 103 -20.76 -59.06 27.57
N ASP D 104 -20.37 -59.85 28.55
CA ASP D 104 -19.95 -59.29 29.83
C ASP D 104 -18.76 -58.32 29.68
N ALA D 105 -17.79 -58.71 28.86
CA ALA D 105 -16.62 -57.87 28.63
C ALA D 105 -17.00 -56.61 27.86
N PHE D 106 -17.86 -56.75 26.85
CA PHE D 106 -18.36 -55.61 26.09
C PHE D 106 -19.08 -54.60 26.99
N VAL D 107 -19.99 -55.08 27.83
CA VAL D 107 -20.74 -54.20 28.71
C VAL D 107 -19.80 -53.53 29.72
N ALA D 108 -18.79 -54.27 30.17
CA ALA D 108 -17.82 -53.69 31.09
C ALA D 108 -17.04 -52.56 30.42
N SER D 109 -16.79 -52.69 29.12
CA SER D 109 -16.13 -51.64 28.37
C SER D 109 -17.03 -50.40 28.28
N LEU D 110 -18.32 -50.62 28.07
CA LEU D 110 -19.27 -49.51 28.08
C LEU D 110 -19.30 -48.80 29.43
N GLU D 111 -19.24 -49.56 30.52
CA GLU D 111 -19.17 -48.95 31.85
C GLU D 111 -17.90 -48.12 32.03
N ARG D 112 -16.78 -48.64 31.55
CA ARG D 112 -15.49 -47.94 31.69
C ARG D 112 -15.39 -46.65 30.86
N ASN D 113 -16.23 -46.54 29.84
CA ASN D 113 -16.08 -45.47 28.86
C ASN D 113 -17.35 -44.64 28.65
N LEU D 114 -18.40 -45.28 28.16
CA LEU D 114 -19.59 -44.56 27.75
C LEU D 114 -20.48 -44.10 28.90
N ILE D 115 -20.78 -45.00 29.82
CA ILE D 115 -21.90 -44.78 30.73
C ILE D 115 -21.67 -43.59 31.68
N HIS D 116 -20.43 -43.37 32.10
CA HIS D 116 -20.16 -42.24 32.97
C HIS D 116 -20.20 -40.88 32.25
N TYR D 117 -20.01 -40.85 30.93
CA TYR D 117 -20.19 -39.60 30.21
C TYR D 117 -21.65 -39.19 30.36
N TYR D 118 -22.56 -40.16 30.22
CA TYR D 118 -23.98 -39.89 30.44
C TYR D 118 -24.25 -39.49 31.89
N ALA D 119 -23.75 -40.28 32.84
CA ALA D 119 -24.03 -40.02 34.25
C ALA D 119 -23.59 -38.62 34.65
N MET D 120 -22.39 -38.25 34.19
CA MET D 120 -21.87 -36.93 34.49
C MET D 120 -22.73 -35.82 33.88
N ALA D 121 -23.14 -35.98 32.62
CA ALA D 121 -24.03 -34.98 32.01
C ALA D 121 -25.36 -34.91 32.76
N HIS D 122 -25.90 -36.08 33.09
CA HIS D 122 -27.13 -36.19 33.86
C HIS D 122 -27.10 -35.34 35.12
N TYR D 123 -26.03 -35.45 35.90
CA TYR D 123 -25.94 -34.70 37.13
C TYR D 123 -25.51 -33.25 36.95
N CYS D 124 -24.79 -32.97 35.87
CA CYS D 124 -24.24 -31.62 35.67
C CYS D 124 -25.19 -30.66 34.96
N VAL D 125 -26.02 -31.18 34.07
CA VAL D 125 -26.84 -30.33 33.21
C VAL D 125 -27.75 -29.31 33.94
N PRO D 126 -28.41 -29.70 35.06
CA PRO D 126 -29.22 -28.66 35.71
C PRO D 126 -28.40 -27.45 36.12
N HIS D 127 -27.14 -27.68 36.52
CA HIS D 127 -26.26 -26.60 36.94
C HIS D 127 -25.69 -25.83 35.75
N LEU D 128 -25.44 -26.54 34.65
CA LEU D 128 -24.95 -25.89 33.45
C LEU D 128 -26.01 -24.96 32.88
N LYS D 129 -27.28 -25.35 33.00
CA LYS D 129 -28.37 -24.47 32.56
C LYS D 129 -28.35 -23.13 33.29
N ALA D 130 -28.05 -23.16 34.58
CA ALA D 130 -28.03 -21.95 35.40
C ALA D 130 -26.94 -20.96 35.02
N THR D 131 -25.87 -21.44 34.39
CA THR D 131 -24.74 -20.58 34.04
C THR D 131 -24.58 -20.45 32.52
N ARG D 132 -25.49 -21.06 31.77
CA ARG D 132 -25.34 -21.16 30.31
C ARG D 132 -23.95 -21.69 30.00
N GLY D 133 -23.62 -22.78 30.67
CA GLY D 133 -22.30 -23.38 30.56
C GLY D 133 -22.14 -24.25 29.33
N ALA D 134 -21.11 -25.10 29.34
CA ALA D 134 -20.77 -25.86 28.15
C ALA D 134 -20.24 -27.24 28.50
N ILE D 135 -20.37 -28.17 27.56
CA ILE D 135 -19.84 -29.52 27.73
C ILE D 135 -18.88 -29.81 26.57
N VAL D 136 -17.75 -30.45 26.90
CA VAL D 136 -16.89 -31.02 25.87
C VAL D 136 -16.71 -32.49 26.18
N ASN D 137 -16.99 -33.33 25.17
CA ASN D 137 -16.75 -34.78 25.26
C ASN D 137 -15.49 -35.18 24.50
N ILE D 138 -14.55 -35.87 25.15
CA ILE D 138 -13.39 -36.36 24.43
C ILE D 138 -13.67 -37.76 23.88
N SER D 139 -13.70 -37.87 22.55
CA SER D 139 -13.97 -39.15 21.91
C SER D 139 -12.65 -39.73 21.39
N SER D 140 -12.69 -40.39 20.25
CA SER D 140 -11.49 -40.97 19.64
C SER D 140 -11.72 -41.18 18.15
N LYS D 141 -10.66 -41.06 17.34
CA LYS D 141 -10.82 -41.31 15.91
C LYS D 141 -11.33 -42.71 15.62
N THR D 142 -11.14 -43.64 16.55
CA THR D 142 -11.63 -45.01 16.34
C THR D 142 -13.15 -45.07 16.19
N ALA D 143 -13.86 -44.05 16.69
CA ALA D 143 -15.32 -43.94 16.49
C ALA D 143 -15.68 -43.90 15.01
N VAL D 144 -14.78 -43.37 14.19
CA VAL D 144 -15.05 -43.29 12.76
C VAL D 144 -14.10 -44.12 11.90
N THR D 145 -12.93 -44.47 12.42
CA THR D 145 -11.97 -45.25 11.62
C THR D 145 -11.95 -46.76 11.93
N GLY D 146 -12.47 -47.13 13.10
CA GLY D 146 -12.25 -48.48 13.60
C GLY D 146 -10.78 -48.66 13.98
N GLN D 147 -10.44 -49.86 14.45
CA GLN D 147 -9.06 -50.17 14.82
C GLN D 147 -8.81 -51.68 14.82
N GLY D 148 -9.85 -52.44 15.19
CA GLY D 148 -9.71 -53.88 15.33
C GLY D 148 -9.51 -54.26 16.78
N ASN D 149 -10.12 -55.37 17.19
CA ASN D 149 -10.02 -55.89 18.56
C ASN D 149 -10.46 -54.90 19.65
N THR D 150 -11.38 -54.01 19.35
CA THR D 150 -11.77 -53.02 20.34
C THR D 150 -13.20 -52.50 20.15
N SER D 151 -14.12 -53.44 19.95
CA SER D 151 -15.56 -53.16 19.89
C SER D 151 -16.08 -52.32 21.04
N GLY D 152 -15.71 -52.69 22.27
CA GLY D 152 -16.22 -52.00 23.44
C GLY D 152 -15.87 -50.52 23.43
N TYR D 153 -14.60 -50.23 23.20
CA TYR D 153 -14.10 -48.86 23.15
C TYR D 153 -14.66 -48.08 21.97
N CYS D 154 -14.64 -48.68 20.79
N CYS D 154 -14.64 -48.69 20.80
CA CYS D 154 -15.17 -48.04 19.58
CA CYS D 154 -15.15 -48.06 19.61
C CYS D 154 -16.64 -47.70 19.76
C CYS D 154 -16.64 -47.72 19.73
N ALA D 155 -17.43 -48.66 20.21
CA ALA D 155 -18.85 -48.41 20.47
C ALA D 155 -19.05 -47.23 21.42
N SER D 156 -18.31 -47.22 22.53
CA SER D 156 -18.40 -46.12 23.49
C SER D 156 -18.04 -44.79 22.84
N LYS D 157 -16.95 -44.79 22.08
CA LYS D 157 -16.49 -43.56 21.47
C LYS D 157 -17.49 -43.01 20.44
N GLY D 158 -18.10 -43.91 19.67
CA GLY D 158 -19.13 -43.51 18.72
C GLY D 158 -20.39 -43.00 19.40
N ALA D 159 -20.79 -43.67 20.48
CA ALA D 159 -21.93 -43.21 21.26
C ALA D 159 -21.69 -41.80 21.79
N GLN D 160 -20.44 -41.50 22.16
CA GLN D 160 -20.10 -40.18 22.69
C GLN D 160 -20.25 -39.10 21.63
N LEU D 161 -19.95 -39.45 20.37
CA LEU D 161 -20.17 -38.51 19.27
C LEU D 161 -21.66 -38.28 19.07
N ALA D 162 -22.45 -39.36 19.07
CA ALA D 162 -23.89 -39.23 18.93
C ALA D 162 -24.49 -38.40 20.06
N LEU D 163 -24.04 -38.65 21.29
CA LEU D 163 -24.53 -37.91 22.44
C LEU D 163 -24.18 -36.42 22.37
N THR D 164 -23.08 -36.10 21.71
CA THR D 164 -22.70 -34.72 21.51
C THR D 164 -23.76 -34.00 20.66
N ARG D 165 -24.20 -34.64 19.57
CA ARG D 165 -25.27 -34.09 18.75
C ARG D 165 -26.60 -34.04 19.50
N GLU D 166 -26.93 -35.13 20.19
CA GLU D 166 -28.17 -35.22 20.94
C GLU D 166 -28.28 -34.18 22.07
N TRP D 167 -27.22 -34.03 22.85
CA TRP D 167 -27.27 -33.05 23.93
C TRP D 167 -27.27 -31.62 23.40
N ALA D 168 -26.58 -31.38 22.28
CA ALA D 168 -26.61 -30.05 21.68
C ALA D 168 -28.05 -29.70 21.30
N VAL D 169 -28.77 -30.66 20.75
CA VAL D 169 -30.17 -30.47 20.43
C VAL D 169 -30.98 -30.21 21.70
N ALA D 170 -30.82 -31.07 22.69
CA ALA D 170 -31.66 -31.02 23.87
C ALA D 170 -31.49 -29.74 24.68
N LEU D 171 -30.30 -29.14 24.60
CA LEU D 171 -29.96 -28.03 25.49
C LEU D 171 -29.86 -26.68 24.78
N ARG D 172 -30.15 -26.68 23.48
CA ARG D 172 -30.02 -25.47 22.66
C ARG D 172 -30.77 -24.26 23.23
N GLU D 173 -31.98 -24.46 23.74
CA GLU D 173 -32.80 -23.36 24.20
C GLU D 173 -32.32 -22.81 25.54
N HIS D 174 -31.45 -23.56 26.20
CA HIS D 174 -30.87 -23.15 27.47
C HIS D 174 -29.51 -22.49 27.29
N GLY D 175 -29.06 -22.40 26.04
CA GLY D 175 -27.79 -21.77 25.72
C GLY D 175 -26.57 -22.56 26.17
N VAL D 176 -26.77 -23.86 26.40
CA VAL D 176 -25.69 -24.75 26.79
C VAL D 176 -25.16 -25.44 25.54
N ARG D 177 -23.90 -25.15 25.19
CA ARG D 177 -23.27 -25.75 24.00
C ARG D 177 -22.58 -27.06 24.37
N VAL D 178 -22.58 -28.01 23.42
CA VAL D 178 -22.00 -29.33 23.65
C VAL D 178 -21.20 -29.68 22.42
N ASN D 179 -19.91 -29.96 22.60
CA ASN D 179 -19.06 -30.29 21.46
C ASN D 179 -18.13 -31.43 21.82
N ALA D 180 -17.48 -32.02 20.82
CA ALA D 180 -16.56 -33.12 21.04
C ALA D 180 -15.19 -32.83 20.42
N VAL D 181 -14.15 -33.38 21.04
CA VAL D 181 -12.81 -33.37 20.44
C VAL D 181 -12.38 -34.81 20.16
N ILE D 182 -11.86 -35.03 18.96
CA ILE D 182 -11.50 -36.34 18.50
C ILE D 182 -9.99 -36.38 18.27
N PRO D 183 -9.23 -36.94 19.23
CA PRO D 183 -7.80 -37.18 19.03
C PRO D 183 -7.59 -38.48 18.27
N ALA D 184 -6.40 -38.65 17.69
CA ALA D 184 -6.02 -39.93 17.10
C ALA D 184 -4.91 -40.57 17.92
N GLU D 185 -3.70 -40.02 17.84
CA GLU D 185 -2.56 -40.58 18.57
C GLU D 185 -1.93 -39.49 19.44
N VAL D 186 -1.94 -39.70 20.76
CA VAL D 186 -1.43 -38.71 21.72
C VAL D 186 -0.62 -39.46 22.76
N MET D 187 0.63 -39.08 22.99
CA MET D 187 1.42 -39.80 23.96
C MET D 187 1.02 -39.44 25.40
N THR D 188 0.47 -40.44 26.11
CA THR D 188 -0.06 -40.27 27.45
C THR D 188 0.21 -41.57 28.21
N PRO D 189 -0.04 -41.59 29.54
CA PRO D 189 0.06 -42.88 30.25
C PRO D 189 -0.79 -43.99 29.63
N LEU D 190 -1.99 -43.68 29.16
CA LEU D 190 -2.82 -44.67 28.49
C LEU D 190 -2.13 -45.23 27.25
N TYR D 191 -1.57 -44.34 26.43
CA TYR D 191 -0.87 -44.80 25.23
C TYR D 191 0.34 -45.68 25.56
N ARG D 192 1.07 -45.31 26.61
CA ARG D 192 2.22 -46.11 27.05
C ARG D 192 1.79 -47.52 27.45
N ASN D 193 0.70 -47.60 28.20
CA ASN D 193 0.18 -48.90 28.63
C ASN D 193 -0.41 -49.69 27.46
N TRP D 194 -1.06 -48.99 26.53
CA TRP D 194 -1.67 -49.65 25.38
C TRP D 194 -0.61 -50.22 24.44
N ILE D 195 0.41 -49.41 24.14
CA ILE D 195 1.47 -49.84 23.23
C ILE D 195 2.29 -51.00 23.82
N ALA D 196 2.30 -51.09 25.15
CA ALA D 196 3.00 -52.18 25.83
C ALA D 196 2.35 -53.56 25.61
N THR D 197 1.10 -53.57 25.16
CA THR D 197 0.40 -54.83 24.89
C THR D 197 0.89 -55.51 23.62
N PHE D 198 1.68 -54.78 22.83
CA PHE D 198 2.18 -55.28 21.55
C PHE D 198 3.50 -56.02 21.72
N GLU D 199 3.81 -56.89 20.75
CA GLU D 199 5.02 -57.71 20.77
C GLU D 199 6.31 -56.88 20.84
N ASP D 200 6.44 -55.93 19.92
CA ASP D 200 7.56 -54.99 19.92
C ASP D 200 6.98 -53.58 20.01
N PRO D 201 6.81 -53.07 21.23
CA PRO D 201 6.12 -51.79 21.46
C PRO D 201 6.86 -50.62 20.81
N GLU D 202 8.19 -50.72 20.78
CA GLU D 202 9.04 -49.65 20.28
C GLU D 202 8.88 -49.48 18.77
N ALA D 203 9.02 -50.58 18.04
CA ALA D 203 8.86 -50.56 16.60
C ALA D 203 7.43 -50.20 16.21
N LYS D 204 6.48 -50.67 17.01
CA LYS D 204 5.07 -50.40 16.76
C LYS D 204 4.77 -48.91 16.88
N LEU D 205 5.32 -48.28 17.92
CA LEU D 205 5.13 -46.87 18.16
C LEU D 205 5.72 -46.04 17.02
N ALA D 206 6.92 -46.39 16.59
CA ALA D 206 7.57 -45.66 15.50
C ALA D 206 6.78 -45.81 14.21
N GLU D 207 6.26 -47.02 13.98
CA GLU D 207 5.48 -47.31 12.80
C GLU D 207 4.20 -46.46 12.73
N ILE D 208 3.55 -46.31 13.88
CA ILE D 208 2.35 -45.48 13.95
C ILE D 208 2.67 -44.00 13.76
N ALA D 209 3.71 -43.52 14.43
CA ALA D 209 4.12 -42.13 14.30
C ALA D 209 4.41 -41.75 12.85
N ALA D 210 5.05 -42.66 12.12
CA ALA D 210 5.39 -42.40 10.72
C ALA D 210 4.14 -42.26 9.84
N LYS D 211 3.00 -42.73 10.33
CA LYS D 211 1.74 -42.64 9.59
C LYS D 211 0.91 -41.39 9.85
N VAL D 212 1.34 -40.56 10.81
CA VAL D 212 0.65 -39.31 11.05
C VAL D 212 1.07 -38.28 10.00
N PRO D 213 0.11 -37.77 9.20
CA PRO D 213 0.51 -36.92 8.07
C PRO D 213 1.30 -35.67 8.44
N LEU D 214 0.86 -34.93 9.45
CA LEU D 214 1.53 -33.67 9.77
C LEU D 214 2.70 -33.88 10.75
N GLY D 215 3.91 -33.87 10.21
CA GLY D 215 5.09 -33.97 11.04
C GLY D 215 5.54 -35.38 11.42
N ARG D 216 4.75 -36.39 11.06
CA ARG D 216 5.09 -37.79 11.38
C ARG D 216 5.39 -37.95 12.87
N ARG D 217 4.53 -37.35 13.68
CA ARG D 217 4.69 -37.30 15.12
C ARG D 217 3.31 -37.34 15.75
N PHE D 218 3.23 -37.78 17.01
CA PHE D 218 1.96 -37.75 17.72
C PHE D 218 1.49 -36.33 18.06
N THR D 219 0.18 -36.17 18.23
CA THR D 219 -0.39 -34.94 18.74
C THR D 219 -0.02 -34.85 20.21
N THR D 220 0.18 -33.64 20.73
CA THR D 220 0.48 -33.48 22.15
C THR D 220 -0.79 -33.27 22.95
N PRO D 221 -0.75 -33.59 24.25
CA PRO D 221 -1.90 -33.29 25.12
C PRO D 221 -2.25 -31.81 25.08
N ASP D 222 -1.26 -30.93 25.00
CA ASP D 222 -1.51 -29.49 24.96
C ASP D 222 -2.30 -29.11 23.71
N GLU D 223 -2.02 -29.79 22.61
CA GLU D 223 -2.76 -29.52 21.37
C GLU D 223 -4.23 -29.92 21.54
N ILE D 224 -4.49 -31.07 22.15
CA ILE D 224 -5.89 -31.42 22.40
C ILE D 224 -6.52 -30.40 23.33
N ALA D 225 -5.79 -30.05 24.40
CA ALA D 225 -6.31 -29.16 25.44
C ALA D 225 -6.74 -27.79 24.89
N ASP D 226 -5.96 -27.24 23.96
CA ASP D 226 -6.23 -25.89 23.52
C ASP D 226 -7.50 -25.81 22.68
N THR D 227 -7.76 -26.82 21.86
CA THR D 227 -9.03 -26.88 21.16
C THR D 227 -10.18 -27.14 22.14
N ALA D 228 -9.98 -28.04 23.09
CA ALA D 228 -11.01 -28.32 24.09
C ALA D 228 -11.40 -27.07 24.89
N VAL D 229 -10.41 -26.32 25.34
CA VAL D 229 -10.69 -25.14 26.15
C VAL D 229 -11.31 -24.01 25.30
N PHE D 230 -10.84 -23.86 24.05
CA PHE D 230 -11.52 -22.94 23.13
C PHE D 230 -13.01 -23.25 23.05
N LEU D 231 -13.36 -24.53 22.91
CA LEU D 231 -14.76 -24.93 22.80
C LEU D 231 -15.58 -24.67 24.06
N LEU D 232 -14.93 -24.63 25.21
CA LEU D 232 -15.64 -24.33 26.45
C LEU D 232 -15.95 -22.84 26.59
N SER D 233 -15.24 -22.02 25.81
CA SER D 233 -15.27 -20.57 25.98
C SER D 233 -16.32 -19.89 25.11
N PRO D 234 -16.69 -18.65 25.46
CA PRO D 234 -17.62 -17.88 24.62
C PRO D 234 -17.03 -17.44 23.28
N ARG D 235 -15.74 -17.71 23.03
CA ARG D 235 -15.21 -17.50 21.68
C ARG D 235 -15.82 -18.49 20.69
N ALA D 236 -16.37 -19.59 21.21
CA ALA D 236 -17.05 -20.59 20.38
C ALA D 236 -18.56 -20.53 20.60
N SER D 237 -19.08 -19.32 20.77
CA SER D 237 -20.45 -19.10 21.22
C SER D 237 -21.54 -19.49 20.21
N HIS D 238 -21.18 -19.77 18.97
CA HIS D 238 -22.16 -20.39 18.06
C HIS D 238 -21.76 -21.76 17.56
N THR D 239 -20.84 -22.39 18.28
CA THR D 239 -20.44 -23.75 17.94
C THR D 239 -21.08 -24.73 18.91
N THR D 240 -21.99 -25.55 18.40
CA THR D 240 -22.58 -26.60 19.22
C THR D 240 -22.87 -27.82 18.36
N GLY D 241 -22.71 -29.00 18.96
CA GLY D 241 -22.98 -30.25 18.26
C GLY D 241 -21.80 -30.74 17.42
N GLU D 242 -20.70 -30.00 17.45
CA GLU D 242 -19.60 -30.27 16.53
C GLU D 242 -18.56 -31.26 17.06
N TRP D 243 -17.90 -31.92 16.12
CA TRP D 243 -16.83 -32.88 16.38
C TRP D 243 -15.55 -32.31 15.80
N LEU D 244 -14.63 -31.87 16.65
CA LEU D 244 -13.39 -31.27 16.16
C LEU D 244 -12.27 -32.29 16.19
N PHE D 245 -11.75 -32.58 15.00
CA PHE D 245 -10.63 -33.51 14.87
C PHE D 245 -9.32 -32.77 15.06
N VAL D 246 -8.54 -33.20 16.04
CA VAL D 246 -7.24 -32.61 16.30
C VAL D 246 -6.29 -33.78 16.27
N ASP D 247 -5.73 -34.06 15.09
CA ASP D 247 -5.10 -35.36 14.83
C ASP D 247 -3.99 -35.37 13.80
N GLY D 248 -3.49 -34.20 13.40
CA GLY D 248 -2.43 -34.13 12.41
C GLY D 248 -2.79 -34.68 11.04
N GLY D 249 -4.08 -34.75 10.73
CA GLY D 249 -4.55 -35.25 9.44
C GLY D 249 -4.81 -36.74 9.41
N TYR D 250 -4.73 -37.38 10.58
CA TYR D 250 -4.78 -38.85 10.64
C TYR D 250 -6.07 -39.42 10.03
N THR D 251 -7.20 -38.83 10.38
CA THR D 251 -8.50 -39.36 9.98
C THR D 251 -8.86 -39.06 8.52
N HIS D 252 -8.58 -37.84 8.06
CA HIS D 252 -9.15 -37.40 6.79
C HIS D 252 -8.22 -37.37 5.57
N LEU D 253 -6.91 -37.46 5.77
CA LEU D 253 -5.99 -37.34 4.63
C LEU D 253 -5.63 -38.70 4.07
N ASP D 254 -5.39 -38.72 2.76
CA ASP D 254 -5.06 -39.91 1.97
C ASP D 254 -4.18 -40.90 2.74
N ARG D 255 -4.68 -42.12 2.93
CA ARG D 255 -3.97 -43.17 3.64
C ARG D 255 -2.63 -43.51 2.98
N ALA D 256 -2.50 -43.20 1.69
CA ALA D 256 -1.32 -43.57 0.90
C ALA D 256 -0.10 -42.68 1.11
N LEU D 257 -0.27 -41.52 1.72
N LEU D 257 -0.29 -41.60 1.85
CA LEU D 257 0.86 -40.61 1.90
CA LEU D 257 0.79 -40.67 2.18
C LEU D 257 1.89 -41.18 2.88
C LEU D 257 1.95 -41.34 2.91
N VAL D 258 3.17 -40.93 2.58
CA VAL D 258 4.31 -41.42 3.36
C VAL D 258 5.10 -40.25 3.94
#